data_7VFL
#
_entry.id   7VFL
#
_cell.length_a   70.201
_cell.length_b   130.568
_cell.length_c   189.854
_cell.angle_alpha   90.000
_cell.angle_beta   90.000
_cell.angle_gamma   90.000
#
_symmetry.space_group_name_H-M   'P 21 21 21'
#
loop_
_entity.id
_entity.type
_entity.pdbx_description
1 polymer 'Glycosyl transferase, group 1 family protein'
2 polymer SER-ASP-SER-ASP-SER-ASP-SER-ASP
3 non-polymer "URIDINE-5'-DIPHOSPHATE"
4 non-polymer 2-acetamido-2-deoxy-beta-D-glucopyranose
5 water water
#
loop_
_entity_poly.entity_id
_entity_poly.type
_entity_poly.pdbx_seq_one_letter_code
_entity_poly.pdbx_strand_id
1 'polypeptide(L)'
;AMNYFVGNSLGVNLTGIEKAIINRLNLFKEMGRPAQCVFLSWNRYLYRNAQNYITSSDYINMYDFFQEATYLERNEPFDW
LSYWTDECHYTLKHVENSHDFRIYDQERFLMYAHFQDPKYRILDYVNHFDSQRRKVKRDFYDVRGFLSCSRILVDKQQTL
CEFFYNPEGDTKLEKYFSYKDGKPEVQKIIVYYANKQYFFNNETELGAFFIKQLYQHGDLFFSDRNVYTAPIFNLTPESI
PVVAVLHSTHIKNIDALDSSPFKNVYKAMFENLSRYRAIIVSTEQQKLDVEKRINHTIPVVNIPVGYSETIDTPVQTLDQ
RSVKLISVARYSPEKQLHQQIELIKRLVSYVPKIELHMYGFGSESKKLNELIQKYGLENHVYLRGFLSNLDQEYSDAYLS
LITSNMEGFSLALLESLAHGVPVISYDIKYGPNELITSDFNGYLITKNDEDALFDKVKYVIDHPEVQQRLSKGSLAKAQQ
YSKASLIKQWDQFVRLILEHHHHHH
;
A,C
2 'polypeptide(L)' DSDSDSDSD D,G
#
loop_
_chem_comp.id
_chem_comp.type
_chem_comp.name
_chem_comp.formula
NAG D-saccharide, beta linking 2-acetamido-2-deoxy-beta-D-glucopyranose 'C8 H15 N O6'
UDP RNA linking URIDINE-5'-DIPHOSPHATE 'C9 H14 N2 O12 P2'
#
# COMPACT_ATOMS: atom_id res chain seq x y z
N ALA A 1 9.10 25.61 -29.26
CA ALA A 1 10.10 24.54 -28.92
C ALA A 1 10.81 24.85 -27.63
N MET A 2 10.86 23.85 -26.74
CA MET A 2 11.43 24.00 -25.40
C MET A 2 12.73 23.24 -25.25
N ASN A 3 13.68 23.83 -24.53
CA ASN A 3 14.95 23.17 -24.21
C ASN A 3 14.93 22.71 -22.76
N TYR A 4 15.33 21.47 -22.54
CA TYR A 4 15.20 20.83 -21.25
C TYR A 4 16.59 20.41 -20.79
N PHE A 5 17.02 20.95 -19.64
CA PHE A 5 18.31 20.62 -19.02
C PHE A 5 18.06 19.65 -17.87
N VAL A 6 18.41 18.39 -18.09
CA VAL A 6 18.00 17.31 -17.21
C VAL A 6 19.14 16.99 -16.25
N GLY A 7 18.90 17.28 -14.97
CA GLY A 7 19.76 16.85 -13.88
C GLY A 7 19.03 15.89 -12.96
N ASN A 8 19.43 15.79 -11.70
CA ASN A 8 18.73 14.91 -10.75
C ASN A 8 18.00 15.64 -9.63
N SER A 9 18.67 16.50 -8.86
CA SER A 9 17.90 17.31 -7.90
C SER A 9 18.66 18.57 -7.56
N LEU A 10 18.20 19.26 -6.52
CA LEU A 10 18.81 20.48 -6.00
C LEU A 10 18.87 20.34 -4.50
N GLY A 11 20.08 20.44 -3.94
CA GLY A 11 20.27 20.36 -2.50
C GLY A 11 20.18 21.72 -1.87
N VAL A 12 20.63 21.78 -0.62
CA VAL A 12 20.62 23.03 0.11
C VAL A 12 21.72 23.94 -0.40
N ASN A 13 22.91 23.39 -0.59
CA ASN A 13 24.02 24.18 -1.10
C ASN A 13 24.18 23.93 -2.60
N LEU A 14 24.19 25.00 -3.37
CA LEU A 14 24.33 24.84 -4.80
C LEU A 14 25.70 24.26 -5.15
N THR A 15 25.68 23.17 -5.88
CA THR A 15 26.87 22.53 -6.40
C THR A 15 27.23 23.03 -7.80
N GLY A 16 28.39 22.60 -8.26
CA GLY A 16 28.87 22.91 -9.59
C GLY A 16 27.91 22.58 -10.70
N ILE A 17 27.55 21.31 -10.83
CA ILE A 17 26.68 20.87 -11.89
C ILE A 17 25.34 21.58 -11.85
N GLU A 18 24.78 21.75 -10.65
CA GLU A 18 23.53 22.49 -10.52
C GLU A 18 23.69 23.96 -10.92
N LYS A 19 24.79 24.61 -10.51
CA LYS A 19 25.05 25.96 -10.98
C LYS A 19 25.28 25.99 -12.50
N ALA A 20 25.94 24.99 -13.07
CA ALA A 20 26.04 24.99 -14.53
C ALA A 20 24.67 24.98 -15.20
N ILE A 21 23.74 24.23 -14.65
CA ILE A 21 22.39 24.16 -15.20
C ILE A 21 21.68 25.50 -15.05
N ILE A 22 21.76 26.12 -13.88
CA ILE A 22 21.11 27.39 -13.68
C ILE A 22 21.78 28.48 -14.51
N ASN A 23 23.11 28.45 -14.65
CA ASN A 23 23.75 29.43 -15.51
C ASN A 23 23.16 29.33 -16.92
N ARG A 24 23.03 28.09 -17.42
CA ARG A 24 22.53 27.89 -18.77
C ARG A 24 21.08 28.33 -18.91
N LEU A 25 20.29 28.11 -17.87
CA LEU A 25 18.92 28.61 -17.89
C LEU A 25 18.90 30.13 -17.98
N ASN A 26 19.76 30.80 -17.23
CA ASN A 26 19.81 32.24 -17.31
C ASN A 26 20.30 32.71 -18.67
N LEU A 27 21.20 31.97 -19.29
CA LEU A 27 21.64 32.41 -20.61
C LEU A 27 20.56 32.23 -21.66
N PHE A 28 19.79 31.16 -21.60
CA PHE A 28 18.70 31.01 -22.56
C PHE A 28 17.62 32.06 -22.32
N LYS A 29 17.36 32.41 -21.07
CA LYS A 29 16.37 33.46 -20.81
C LYS A 29 16.82 34.77 -21.44
N GLU A 30 18.08 35.16 -21.20
CA GLU A 30 18.57 36.41 -21.73
C GLU A 30 18.44 36.49 -23.26
N MET A 31 18.47 35.36 -23.96
CA MET A 31 18.40 35.38 -25.41
C MET A 31 17.03 35.02 -25.91
N GLY A 32 16.07 34.86 -25.01
CA GLY A 32 14.72 34.60 -25.43
C GLY A 32 14.37 33.18 -25.79
N ARG A 33 15.19 32.21 -25.52
CA ARG A 33 14.80 30.85 -25.91
C ARG A 33 14.19 30.16 -24.71
N PRO A 34 13.02 29.54 -24.85
CA PRO A 34 12.43 28.80 -23.73
C PRO A 34 13.32 27.67 -23.23
N ALA A 35 13.38 27.54 -21.91
CA ALA A 35 14.26 26.62 -21.22
C ALA A 35 13.76 26.36 -19.81
N GLN A 36 13.80 25.11 -19.44
CA GLN A 36 13.39 24.65 -18.13
C GLN A 36 14.34 23.57 -17.65
N CYS A 37 14.62 23.57 -16.35
CA CYS A 37 15.35 22.47 -15.74
C CYS A 37 14.40 21.32 -15.44
N VAL A 38 14.90 20.10 -15.59
CA VAL A 38 14.16 18.88 -15.30
C VAL A 38 14.91 18.15 -14.20
N PHE A 39 14.21 17.88 -13.11
CA PHE A 39 14.74 17.11 -11.98
C PHE A 39 14.01 15.79 -11.92
N LEU A 40 14.70 14.75 -11.50
CA LEU A 40 14.19 13.39 -11.64
C LEU A 40 13.78 12.82 -10.30
N SER A 41 14.59 13.00 -9.27
CA SER A 41 14.41 12.22 -8.06
C SER A 41 13.38 12.86 -7.15
N TRP A 42 12.74 12.03 -6.30
CA TRP A 42 11.67 12.48 -5.41
C TRP A 42 12.27 13.36 -4.33
N ASN A 43 11.78 14.58 -4.22
CA ASN A 43 12.33 15.52 -3.25
C ASN A 43 11.23 16.51 -2.85
N ARG A 44 10.59 16.25 -1.72
CA ARG A 44 9.47 17.03 -1.22
C ARG A 44 9.91 18.35 -0.60
N TYR A 45 11.20 18.59 -0.50
CA TYR A 45 11.72 19.92 -0.15
C TYR A 45 12.32 20.66 -1.35
N LEU A 46 12.08 20.18 -2.58
CA LEU A 46 12.68 20.80 -3.76
C LEU A 46 12.17 22.22 -4.02
N TYR A 47 10.89 22.48 -3.74
CA TYR A 47 10.36 23.83 -3.96
C TYR A 47 11.01 24.84 -3.02
N ARG A 48 11.44 24.39 -1.84
CA ARG A 48 12.23 25.27 -0.98
C ARG A 48 13.60 25.50 -1.57
N ASN A 49 14.32 24.44 -1.89
CA ASN A 49 15.69 24.58 -2.38
C ASN A 49 15.77 25.43 -3.64
N ALA A 50 14.78 25.34 -4.50
CA ALA A 50 14.83 26.02 -5.78
C ALA A 50 14.46 27.49 -5.65
N GLN A 51 13.69 27.82 -4.63
CA GLN A 51 13.21 29.18 -4.45
C GLN A 51 14.36 30.18 -4.45
N ASN A 52 15.50 29.81 -3.91
CA ASN A 52 16.61 30.76 -3.89
C ASN A 52 17.17 31.08 -5.28
N TYR A 53 17.03 30.19 -6.27
CA TYR A 53 17.75 30.37 -7.53
C TYR A 53 16.85 30.46 -8.76
N ILE A 54 15.80 29.68 -8.88
CA ILE A 54 14.96 29.74 -10.08
C ILE A 54 13.54 29.97 -9.60
N THR A 55 12.58 30.04 -10.51
CA THR A 55 11.18 30.19 -10.14
C THR A 55 10.47 28.86 -10.34
N SER A 56 9.21 28.80 -9.92
CA SER A 56 8.52 27.51 -10.01
C SER A 56 8.13 27.16 -11.44
N SER A 57 8.10 28.12 -12.34
CA SER A 57 7.82 27.81 -13.73
C SER A 57 9.07 27.45 -14.51
N ASP A 58 10.25 27.66 -13.93
CA ASP A 58 11.52 27.36 -14.56
C ASP A 58 11.94 25.88 -14.45
N TYR A 59 11.13 25.02 -13.83
CA TYR A 59 11.58 23.64 -13.62
C TYR A 59 10.38 22.72 -13.53
N ILE A 60 10.66 21.48 -13.87
CA ILE A 60 9.71 20.38 -13.80
C ILE A 60 10.41 19.25 -13.05
N ASN A 61 9.78 18.72 -12.01
CA ASN A 61 10.26 17.50 -11.39
C ASN A 61 9.38 16.32 -11.77
N MET A 62 10.00 15.16 -11.95
CA MET A 62 9.29 13.99 -12.47
C MET A 62 8.17 13.56 -11.54
N TYR A 63 8.49 13.44 -10.25
CA TYR A 63 7.47 13.05 -9.26
C TYR A 63 6.38 14.12 -9.16
N ASP A 64 6.75 15.41 -9.11
CA ASP A 64 5.71 16.43 -9.18
C ASP A 64 4.82 16.20 -10.38
N PHE A 65 5.41 15.85 -11.52
CA PHE A 65 4.65 15.67 -12.77
C PHE A 65 3.56 14.61 -12.63
N PHE A 66 3.92 13.39 -12.27
CA PHE A 66 2.91 12.35 -12.12
C PHE A 66 2.01 12.56 -10.88
N GLN A 67 2.46 13.31 -9.87
CA GLN A 67 1.64 13.68 -8.71
C GLN A 67 0.78 14.93 -8.96
N GLU A 68 0.73 15.43 -10.18
CA GLU A 68 -0.09 16.61 -10.51
C GLU A 68 0.23 17.79 -9.61
N ALA A 69 1.51 17.94 -9.26
CA ALA A 69 1.97 19.03 -8.41
C ALA A 69 2.98 19.93 -9.11
N THR A 70 3.10 19.86 -10.44
CA THR A 70 3.98 20.74 -11.18
C THR A 70 3.45 22.16 -11.13
N TYR A 71 4.35 23.10 -10.95
CA TYR A 71 4.04 24.52 -10.83
C TYR A 71 3.04 24.84 -9.72
N LEU A 72 3.01 24.06 -8.65
CA LEU A 72 2.19 24.39 -7.49
C LEU A 72 3.06 25.09 -6.46
N GLU A 73 2.48 26.05 -5.76
CA GLU A 73 3.17 26.86 -4.76
C GLU A 73 2.79 26.40 -3.35
N ARG A 74 3.27 27.13 -2.34
CA ARG A 74 2.94 26.80 -0.95
C ARG A 74 1.49 27.16 -0.64
N ASN A 75 0.84 26.34 0.19
CA ASN A 75 -0.42 26.72 0.83
C ASN A 75 -0.15 27.56 2.08
N GLU A 76 -1.17 28.30 2.51
CA GLU A 76 -1.09 28.98 3.81
C GLU A 76 -1.08 27.91 4.89
N PRO A 77 -0.21 28.01 5.89
CA PRO A 77 0.05 26.83 6.73
C PRO A 77 -1.22 26.37 7.45
N PHE A 78 -1.33 25.05 7.60
CA PHE A 78 -2.45 24.44 8.29
C PHE A 78 -1.98 24.27 9.73
N ASP A 79 -2.87 24.62 10.68
CA ASP A 79 -2.57 24.47 12.10
C ASP A 79 -2.95 23.05 12.49
N TRP A 80 -2.00 22.15 12.34
CA TRP A 80 -2.23 20.76 12.67
C TRP A 80 -2.48 20.59 14.16
N LEU A 81 -1.66 21.23 15.00
CA LEU A 81 -1.82 21.10 16.44
C LEU A 81 -3.25 21.42 16.85
N SER A 82 -3.81 22.47 16.28
CA SER A 82 -5.14 22.89 16.65
C SER A 82 -6.21 21.96 16.10
N TYR A 83 -5.99 21.42 14.91
CA TYR A 83 -6.91 20.41 14.37
C TYR A 83 -6.87 19.11 15.16
N TRP A 84 -5.70 18.73 15.64
CA TRP A 84 -5.58 17.51 16.41
C TRP A 84 -6.26 17.62 17.77
N THR A 85 -6.06 18.76 18.48
CA THR A 85 -6.65 18.86 19.82
C THR A 85 -8.10 19.28 19.80
N ASP A 86 -8.44 20.33 19.05
CA ASP A 86 -9.83 20.80 19.08
C ASP A 86 -10.80 20.02 18.21
N GLU A 87 -10.39 19.53 17.06
CA GLU A 87 -11.32 18.84 16.15
C GLU A 87 -11.29 17.32 16.27
N CYS A 88 -10.12 16.73 16.53
CA CYS A 88 -10.01 15.26 16.70
C CYS A 88 -10.04 14.83 18.18
N HIS A 89 -9.94 15.76 19.11
CA HIS A 89 -9.91 15.47 20.54
C HIS A 89 -8.80 14.48 20.90
N TYR A 90 -7.66 14.63 20.24
CA TYR A 90 -6.46 13.88 20.59
C TYR A 90 -5.77 14.63 21.70
N THR A 91 -4.81 13.95 22.31
CA THR A 91 -3.94 14.53 23.31
C THR A 91 -2.53 14.53 22.75
N LEU A 92 -1.85 15.66 22.83
CA LEU A 92 -0.48 15.79 22.38
C LEU A 92 0.47 15.85 23.56
N LYS A 93 1.61 15.17 23.43
CA LYS A 93 2.63 15.20 24.48
C LYS A 93 3.96 15.56 23.83
N HIS A 94 4.36 16.82 23.97
CA HIS A 94 5.57 17.32 23.34
C HIS A 94 6.77 16.49 23.76
N VAL A 95 7.63 16.21 22.80
CA VAL A 95 8.91 15.56 23.05
C VAL A 95 9.95 16.65 23.30
N GLU A 96 10.59 16.62 24.47
CA GLU A 96 11.43 17.73 24.89
C GLU A 96 12.71 17.76 24.07
N ASN A 97 13.15 18.98 23.73
CA ASN A 97 14.24 19.20 22.78
C ASN A 97 13.94 18.55 21.43
N SER A 98 12.87 19.05 20.80
CA SER A 98 12.44 18.60 19.50
C SER A 98 11.25 19.47 19.10
N HIS A 99 10.90 19.39 17.83
CA HIS A 99 9.64 19.93 17.34
C HIS A 99 8.58 18.84 17.21
N ASP A 100 8.66 17.79 18.04
CA ASP A 100 7.86 16.58 17.89
C ASP A 100 6.78 16.45 18.98
N PHE A 101 5.64 15.89 18.58
CA PHE A 101 4.58 15.52 19.50
C PHE A 101 4.26 14.03 19.38
N ARG A 102 3.91 13.43 20.50
CA ARG A 102 3.27 12.12 20.51
C ARG A 102 1.79 12.35 20.56
N ILE A 103 1.01 11.58 19.79
CA ILE A 103 -0.43 11.81 19.67
C ILE A 103 -1.18 10.59 20.16
N TYR A 104 -2.13 10.83 21.08
CA TYR A 104 -2.89 9.79 21.77
C TYR A 104 -4.39 10.00 21.56
N ASP A 105 -5.11 8.91 21.49
CA ASP A 105 -6.56 8.95 21.61
C ASP A 105 -6.92 8.39 22.99
N GLN A 106 -7.18 9.28 23.95
CA GLN A 106 -7.66 8.90 25.28
C GLN A 106 -6.73 7.86 25.91
N GLU A 107 -5.45 8.17 25.91
CA GLU A 107 -4.38 7.33 26.43
C GLU A 107 -3.98 6.17 25.52
N ARG A 108 -4.51 6.07 24.31
CA ARG A 108 -3.98 5.15 23.32
C ARG A 108 -3.03 5.87 22.37
N PHE A 109 -1.83 5.32 22.18
CA PHE A 109 -0.77 5.97 21.39
C PHE A 109 -0.97 5.65 19.91
N LEU A 110 -1.11 6.67 19.07
CA LEU A 110 -1.41 6.47 17.65
C LEU A 110 -0.30 6.91 16.70
N MET A 111 0.30 8.08 16.95
CA MET A 111 1.13 8.75 15.95
C MET A 111 2.25 9.56 16.60
N TYR A 112 3.39 9.58 15.92
CA TYR A 112 4.53 10.45 16.24
C TYR A 112 4.73 11.46 15.13
N ALA A 113 4.58 12.73 15.46
CA ALA A 113 4.63 13.82 14.48
C ALA A 113 5.90 14.65 14.64
N HIS A 114 6.64 14.80 13.54
CA HIS A 114 7.84 15.63 13.50
C HIS A 114 7.59 16.85 12.62
N PHE A 115 7.60 18.02 13.20
CA PHE A 115 7.57 19.25 12.42
C PHE A 115 9.01 19.68 12.09
N GLN A 116 9.13 20.52 11.06
CA GLN A 116 10.45 21.00 10.65
C GLN A 116 10.83 22.26 11.43
N ASP A 117 9.98 23.25 11.42
CA ASP A 117 10.28 24.51 12.06
C ASP A 117 9.93 24.47 13.54
N PRO A 118 10.55 25.33 14.33
CA PRO A 118 10.13 25.45 15.73
C PRO A 118 8.84 26.19 15.89
N LYS A 119 8.27 26.75 14.83
CA LYS A 119 6.97 27.40 14.89
C LYS A 119 5.81 26.44 14.60
N TYR A 120 6.13 25.18 14.25
CA TYR A 120 5.15 24.16 13.92
C TYR A 120 4.27 24.54 12.73
N ARG A 121 4.85 25.21 11.75
CA ARG A 121 4.14 25.57 10.55
C ARG A 121 4.27 24.52 9.44
N ILE A 122 5.32 23.71 9.48
CA ILE A 122 5.72 22.82 8.40
C ILE A 122 5.78 21.41 8.96
N LEU A 123 4.66 20.69 8.90
CA LEU A 123 4.69 19.26 9.16
C LEU A 123 5.60 18.54 8.17
N ASP A 124 6.55 17.77 8.72
CA ASP A 124 7.53 17.02 7.95
C ASP A 124 7.08 15.57 7.78
N TYR A 125 6.96 14.80 8.88
CA TYR A 125 6.50 13.41 8.78
C TYR A 125 5.67 13.03 10.00
N VAL A 126 4.90 11.96 9.82
CA VAL A 126 4.04 11.38 10.85
C VAL A 126 4.18 9.86 10.78
N ASN A 127 4.58 9.23 11.89
CA ASN A 127 4.67 7.78 11.97
C ASN A 127 3.37 7.23 12.56
N HIS A 128 2.89 6.10 12.03
CA HIS A 128 1.69 5.42 12.54
C HIS A 128 2.08 4.12 13.23
N PHE A 129 1.44 3.84 14.35
CA PHE A 129 1.71 2.64 15.11
C PHE A 129 0.44 1.83 15.31
N ASP A 130 0.64 0.49 15.40
CA ASP A 130 -0.40 -0.51 15.61
C ASP A 130 -0.49 -0.84 17.10
N SER A 131 -1.34 -1.82 17.44
CA SER A 131 -1.67 -2.07 18.84
C SER A 131 -0.47 -2.57 19.60
N GLN A 132 0.58 -3.02 18.91
CA GLN A 132 1.81 -3.49 19.55
C GLN A 132 2.94 -2.47 19.44
N ARG A 133 2.63 -1.26 19.04
CA ARG A 133 3.64 -0.23 18.81
C ARG A 133 4.63 -0.55 17.69
N ARG A 134 4.23 -1.39 16.72
CA ARG A 134 4.90 -1.44 15.43
C ARG A 134 4.67 -0.19 14.61
N LYS A 135 5.72 0.25 13.92
CA LYS A 135 5.62 1.40 13.03
C LYS A 135 5.23 0.87 11.66
N VAL A 136 3.94 0.91 11.36
CA VAL A 136 3.46 0.31 10.12
C VAL A 136 3.44 1.28 8.94
N LYS A 137 3.49 2.58 9.18
CA LYS A 137 3.35 3.52 8.07
C LYS A 137 3.98 4.85 8.43
N ARG A 138 4.65 5.44 7.46
CA ARG A 138 5.25 6.77 7.59
C ARG A 138 4.70 7.67 6.50
N ASP A 139 4.16 8.82 6.91
CA ASP A 139 3.60 9.85 6.02
C ASP A 139 4.61 10.99 5.85
N PHE A 140 5.03 11.24 4.62
CA PHE A 140 6.00 12.27 4.31
C PHE A 140 5.31 13.40 3.59
N TYR A 141 5.41 14.59 4.16
CA TYR A 141 4.74 15.77 3.67
C TYR A 141 5.67 16.62 2.81
N ASP A 142 5.13 17.16 1.73
CA ASP A 142 5.84 18.13 0.92
C ASP A 142 5.90 19.47 1.66
N VAL A 143 7.03 20.16 1.55
CA VAL A 143 7.14 21.47 2.19
C VAL A 143 6.03 22.42 1.78
N ARG A 144 5.33 22.14 0.70
CA ARG A 144 4.25 23.00 0.26
C ARG A 144 2.93 22.72 0.95
N GLY A 145 2.87 21.68 1.76
CA GLY A 145 1.64 21.44 2.50
C GLY A 145 1.12 20.03 2.40
N PHE A 146 0.96 19.50 1.18
CA PHE A 146 0.23 18.25 0.96
C PHE A 146 1.10 17.06 1.36
N LEU A 147 0.40 15.95 1.60
CA LEU A 147 1.02 14.66 1.89
C LEU A 147 1.45 13.99 0.60
N SER A 148 2.76 13.84 0.45
CA SER A 148 3.36 13.42 -0.80
C SER A 148 3.40 11.92 -0.91
N CYS A 149 3.92 11.29 0.14
CA CYS A 149 4.14 9.83 0.10
C CYS A 149 3.94 9.12 1.44
N SER A 150 3.32 7.94 1.40
CA SER A 150 3.20 7.06 2.53
C SER A 150 4.04 5.83 2.24
N ARG A 151 4.86 5.46 3.20
CA ARG A 151 5.71 4.27 3.17
C ARG A 151 5.20 3.22 4.15
N ILE A 152 4.96 2.01 3.64
CA ILE A 152 4.55 0.83 4.41
C ILE A 152 5.83 0.13 4.84
N LEU A 153 5.91 -0.24 6.11
CA LEU A 153 7.10 -0.83 6.72
C LEU A 153 6.75 -2.26 7.15
N VAL A 154 7.77 -3.11 7.17
CA VAL A 154 7.66 -4.55 7.56
C VAL A 154 8.82 -4.87 8.51
N ASP A 155 8.76 -5.98 9.23
CA ASP A 155 9.87 -6.46 10.10
C ASP A 155 10.56 -5.27 10.80
N LYS A 156 11.87 -5.05 10.65
CA LYS A 156 12.63 -4.00 11.39
C LYS A 156 12.62 -2.70 10.57
N GLN A 157 11.48 -2.03 10.48
CA GLN A 157 11.31 -0.74 9.75
C GLN A 157 11.91 -0.83 8.33
N GLN A 158 11.89 -1.98 7.68
CA GLN A 158 12.29 -2.09 6.29
C GLN A 158 11.19 -1.64 5.33
N THR A 159 11.60 -0.97 4.26
CA THR A 159 10.64 -0.46 3.31
C THR A 159 10.11 -1.59 2.46
N LEU A 160 8.80 -1.71 2.40
CA LEU A 160 8.16 -2.66 1.50
C LEU A 160 7.52 -2.01 0.29
N CYS A 161 6.73 -0.95 0.48
CA CYS A 161 6.14 -0.30 -0.68
C CYS A 161 5.74 1.12 -0.32
N GLU A 162 5.64 1.97 -1.36
CA GLU A 162 5.47 3.41 -1.22
C GLU A 162 4.32 3.83 -2.10
N PHE A 163 3.50 4.78 -1.63
CA PHE A 163 2.37 5.30 -2.38
C PHE A 163 2.52 6.81 -2.46
N PHE A 164 2.28 7.36 -3.64
CA PHE A 164 2.54 8.76 -3.90
C PHE A 164 1.25 9.44 -4.33
N TYR A 165 0.94 10.57 -3.70
CA TYR A 165 -0.38 11.17 -3.85
C TYR A 165 -0.27 12.48 -4.60
N ASN A 166 -1.36 12.83 -5.29
CA ASN A 166 -1.55 14.18 -5.76
C ASN A 166 -1.98 15.01 -4.57
N PRO A 167 -2.11 16.32 -4.71
CA PRO A 167 -2.41 17.14 -3.53
C PRO A 167 -3.80 16.93 -2.97
N GLU A 168 -4.66 16.24 -3.70
CA GLU A 168 -6.01 15.91 -3.26
C GLU A 168 -6.09 14.58 -2.52
N GLY A 169 -5.06 13.73 -2.57
CA GLY A 169 -5.04 12.44 -1.90
C GLY A 169 -5.26 11.24 -2.81
N ASP A 170 -5.55 11.47 -4.08
CA ASP A 170 -5.59 10.38 -5.03
C ASP A 170 -4.19 9.77 -5.18
N THR A 171 -4.14 8.44 -5.22
CA THR A 171 -2.87 7.76 -5.48
C THR A 171 -2.48 7.92 -6.95
N LYS A 172 -1.23 8.24 -7.22
CA LYS A 172 -0.72 8.36 -8.57
C LYS A 172 0.43 7.43 -8.90
N LEU A 173 1.24 7.00 -7.94
CA LEU A 173 2.22 5.95 -8.24
C LEU A 173 2.37 4.99 -7.07
N GLU A 174 2.77 3.77 -7.38
CA GLU A 174 3.01 2.78 -6.35
C GLU A 174 4.40 2.23 -6.63
N LYS A 175 5.26 2.17 -5.62
CA LYS A 175 6.55 1.47 -5.74
C LYS A 175 6.63 0.27 -4.78
N TYR A 176 7.16 -0.87 -5.27
CA TYR A 176 7.35 -2.10 -4.49
C TYR A 176 8.83 -2.47 -4.44
N PHE A 177 9.30 -2.85 -3.24
CA PHE A 177 10.70 -2.98 -2.92
C PHE A 177 11.03 -4.39 -2.41
N SER A 178 12.20 -4.87 -2.78
CA SER A 178 12.84 -6.03 -2.17
C SER A 178 14.25 -5.65 -1.73
N TYR A 179 14.72 -6.31 -0.68
CA TYR A 179 16.02 -5.97 -0.13
C TYR A 179 17.10 -6.84 -0.76
N LYS A 180 18.19 -6.18 -1.13
CA LYS A 180 19.31 -6.81 -1.79
C LYS A 180 20.58 -6.20 -1.22
N ASP A 181 21.41 -7.02 -0.59
CA ASP A 181 22.59 -6.53 0.12
C ASP A 181 22.21 -5.47 1.15
N GLY A 182 21.12 -5.72 1.88
CA GLY A 182 20.66 -4.84 2.95
C GLY A 182 20.12 -3.48 2.55
N LYS A 183 19.95 -3.19 1.26
CA LYS A 183 19.25 -1.97 0.87
C LYS A 183 17.97 -2.24 0.05
N PRO A 184 16.94 -1.41 0.20
CA PRO A 184 15.73 -1.63 -0.60
C PRO A 184 15.96 -1.23 -2.04
N GLU A 185 15.47 -2.04 -2.96
CA GLU A 185 15.51 -1.66 -4.35
C GLU A 185 14.17 -1.95 -5.01
N VAL A 186 13.75 -0.99 -5.83
CA VAL A 186 12.54 -1.02 -6.62
C VAL A 186 12.51 -2.25 -7.51
N GLN A 187 11.46 -3.04 -7.37
CA GLN A 187 11.21 -4.14 -8.28
C GLN A 187 9.98 -3.94 -9.13
N LYS A 188 9.12 -2.98 -8.80
CA LYS A 188 7.95 -2.72 -9.62
C LYS A 188 7.47 -1.31 -9.38
N ILE A 189 6.98 -0.64 -10.43
CA ILE A 189 6.38 0.68 -10.31
C ILE A 189 5.10 0.69 -11.12
N ILE A 190 4.03 1.19 -10.52
CA ILE A 190 2.72 1.33 -11.13
C ILE A 190 2.43 2.81 -11.16
N VAL A 191 2.10 3.34 -12.34
CA VAL A 191 1.75 4.76 -12.51
C VAL A 191 0.33 4.83 -13.03
N TYR A 192 -0.46 5.70 -12.45
CA TYR A 192 -1.82 5.98 -12.91
C TYR A 192 -1.75 7.32 -13.62
N TYR A 193 -1.91 7.32 -14.94
CA TYR A 193 -1.67 8.53 -15.73
C TYR A 193 -2.56 8.48 -16.95
N ALA A 194 -3.07 9.64 -17.35
CA ALA A 194 -3.92 9.72 -18.54
C ALA A 194 -4.99 8.65 -18.55
N ASN A 195 -5.57 8.39 -17.40
CA ASN A 195 -6.64 7.43 -17.21
C ASN A 195 -6.25 6.00 -17.50
N LYS A 196 -4.98 5.71 -17.62
CA LYS A 196 -4.51 4.36 -17.81
C LYS A 196 -3.60 3.95 -16.66
N GLN A 197 -3.17 2.71 -16.73
CA GLN A 197 -2.33 2.08 -15.73
C GLN A 197 -1.11 1.55 -16.44
N TYR A 198 0.06 2.04 -16.03
CA TYR A 198 1.33 1.66 -16.64
C TYR A 198 2.21 0.95 -15.63
N PHE A 199 2.95 -0.02 -16.12
CA PHE A 199 3.82 -0.87 -15.32
C PHE A 199 5.28 -0.75 -15.73
N PHE A 200 6.17 -0.60 -14.74
CA PHE A 200 7.60 -0.46 -14.97
C PHE A 200 8.33 -1.34 -13.98
N ASN A 201 9.59 -1.65 -14.28
CA ASN A 201 10.41 -2.46 -13.39
C ASN A 201 11.35 -1.65 -12.53
N ASN A 202 11.58 -0.40 -12.87
CA ASN A 202 12.59 0.34 -12.14
C ASN A 202 12.44 1.80 -12.49
N GLU A 203 13.15 2.65 -11.75
CA GLU A 203 13.04 4.10 -11.93
C GLU A 203 13.56 4.60 -13.29
N THR A 204 14.52 3.90 -13.88
CA THR A 204 15.00 4.30 -15.19
C THR A 204 13.93 4.18 -16.25
N GLU A 205 13.13 3.08 -16.21
CA GLU A 205 12.04 2.95 -17.19
C GLU A 205 10.96 3.98 -16.94
N LEU A 206 10.67 4.29 -15.67
CA LEU A 206 9.78 5.40 -15.36
C LEU A 206 10.32 6.72 -15.90
N GLY A 207 11.63 6.96 -15.73
CA GLY A 207 12.24 8.15 -16.31
C GLY A 207 12.04 8.23 -17.81
N ALA A 208 12.28 7.13 -18.50
CA ALA A 208 12.11 7.12 -19.94
C ALA A 208 10.67 7.39 -20.35
N PHE A 209 9.70 6.93 -19.54
CA PHE A 209 8.30 7.22 -19.80
C PHE A 209 8.02 8.72 -19.64
N PHE A 210 8.64 9.34 -18.65
CA PHE A 210 8.49 10.76 -18.38
C PHE A 210 9.03 11.61 -19.52
N ILE A 211 10.24 11.28 -20.02
CA ILE A 211 10.83 12.02 -21.14
C ILE A 211 9.89 11.97 -22.32
N LYS A 212 9.35 10.79 -22.57
CA LYS A 212 8.41 10.64 -23.67
C LYS A 212 7.15 11.48 -23.50
N GLN A 213 6.65 11.63 -22.26
CA GLN A 213 5.44 12.45 -22.10
C GLN A 213 5.76 13.94 -22.18
N LEU A 214 6.94 14.36 -21.76
CA LEU A 214 7.35 15.74 -21.93
C LEU A 214 7.53 16.13 -23.40
N TYR A 215 7.99 15.23 -24.24
CA TYR A 215 8.46 15.62 -25.55
C TYR A 215 7.33 16.09 -26.48
N GLN A 216 7.60 17.18 -27.15
CA GLN A 216 6.83 17.65 -28.29
C GLN A 216 7.79 17.93 -29.43
N HIS A 217 7.37 17.60 -30.66
CA HIS A 217 8.26 17.74 -31.81
C HIS A 217 8.93 19.10 -31.81
N GLY A 218 10.25 19.09 -31.95
CA GLY A 218 11.07 20.27 -31.98
C GLY A 218 11.73 20.60 -30.68
N ASP A 219 11.40 19.91 -29.60
CA ASP A 219 12.05 20.08 -28.31
C ASP A 219 13.45 19.46 -28.37
N LEU A 220 14.31 19.91 -27.46
CA LEU A 220 15.67 19.42 -27.33
C LEU A 220 15.99 19.15 -25.87
N PHE A 221 16.65 18.01 -25.59
CA PHE A 221 17.07 17.58 -24.27
C PHE A 221 18.59 17.71 -24.12
N PHE A 222 18.99 18.04 -22.91
CA PHE A 222 20.38 18.12 -22.49
C PHE A 222 20.54 17.19 -21.30
N SER A 223 21.47 16.24 -21.40
CA SER A 223 21.70 15.21 -20.39
C SER A 223 22.90 15.63 -19.54
N ASP A 224 22.62 16.17 -18.36
CA ASP A 224 23.64 16.76 -17.50
C ASP A 224 24.03 15.89 -16.30
N ARG A 225 23.18 14.95 -15.87
CA ARG A 225 23.52 14.10 -14.73
C ARG A 225 23.58 12.65 -15.22
N ASN A 226 24.59 12.39 -15.99
CA ASN A 226 24.60 11.26 -16.89
C ASN A 226 24.55 9.91 -16.22
N VAL A 227 24.99 9.81 -14.95
CA VAL A 227 24.86 8.53 -14.28
C VAL A 227 23.40 8.09 -14.18
N TYR A 228 22.46 9.03 -14.06
CA TYR A 228 21.03 8.74 -14.14
C TYR A 228 20.42 9.04 -15.49
N THR A 229 20.79 10.11 -16.14
CA THR A 229 20.06 10.53 -17.34
C THR A 229 20.43 9.73 -18.59
N ALA A 230 21.68 9.29 -18.74
CA ALA A 230 22.03 8.48 -19.91
C ALA A 230 21.26 7.18 -19.96
N PRO A 231 21.19 6.39 -18.88
CA PRO A 231 20.34 5.19 -18.95
C PRO A 231 18.89 5.48 -19.30
N ILE A 232 18.34 6.56 -18.78
CA ILE A 232 17.01 6.97 -19.21
C ILE A 232 16.94 7.27 -20.71
N PHE A 233 17.90 8.05 -21.24
CA PHE A 233 17.80 8.38 -22.67
C PHE A 233 18.07 7.18 -23.57
N ASN A 234 18.84 6.22 -23.09
CA ASN A 234 19.02 4.97 -23.82
C ASN A 234 17.71 4.21 -24.00
N LEU A 235 16.72 4.41 -23.14
CA LEU A 235 15.43 3.77 -23.32
C LEU A 235 14.44 4.68 -24.02
N THR A 236 14.88 5.78 -24.59
CA THR A 236 13.91 6.58 -25.35
C THR A 236 14.20 6.49 -26.84
N PRO A 237 13.20 6.66 -27.69
CA PRO A 237 13.42 6.57 -29.14
C PRO A 237 14.41 7.60 -29.65
N GLU A 238 15.25 7.17 -30.61
CA GLU A 238 16.19 8.06 -31.28
C GLU A 238 15.53 9.31 -31.88
N SER A 239 14.22 9.31 -32.04
CA SER A 239 13.58 10.50 -32.60
C SER A 239 13.58 11.67 -31.61
N ILE A 240 13.86 11.42 -30.35
CA ILE A 240 13.91 12.48 -29.33
C ILE A 240 15.39 12.92 -29.23
N PRO A 241 15.71 14.15 -29.60
CA PRO A 241 17.13 14.54 -29.62
C PRO A 241 17.62 14.90 -28.25
N VAL A 242 18.84 14.48 -27.97
CA VAL A 242 19.45 14.71 -26.67
C VAL A 242 20.93 14.94 -26.89
N VAL A 243 21.45 15.96 -26.24
CA VAL A 243 22.87 16.30 -26.20
C VAL A 243 23.40 15.87 -24.84
N ALA A 244 24.54 15.18 -24.82
CA ALA A 244 25.24 14.80 -23.59
C ALA A 244 26.19 15.90 -23.16
N VAL A 245 26.14 16.30 -21.89
CA VAL A 245 27.03 17.31 -21.32
C VAL A 245 27.92 16.68 -20.25
N LEU A 246 29.22 16.70 -20.48
CA LEU A 246 30.22 16.27 -19.50
C LEU A 246 30.61 17.46 -18.65
N HIS A 247 30.77 17.21 -17.36
CA HIS A 247 31.11 18.24 -16.39
C HIS A 247 32.43 18.00 -15.68
N SER A 248 33.05 16.85 -15.86
CA SER A 248 34.34 16.52 -15.25
C SER A 248 35.26 15.92 -16.31
N THR A 249 36.49 15.64 -15.94
CA THR A 249 37.25 14.63 -16.67
C THR A 249 36.37 13.39 -16.91
N HIS A 250 36.60 12.79 -18.08
CA HIS A 250 35.77 11.73 -18.62
C HIS A 250 36.29 10.33 -18.33
N ILE A 251 37.55 10.19 -17.87
CA ILE A 251 38.19 8.89 -17.65
C ILE A 251 38.77 8.81 -16.25
N LYS A 252 38.93 7.57 -15.79
CA LYS A 252 39.28 7.35 -14.40
C LYS A 252 40.69 7.81 -14.10
N ASN A 253 41.61 7.69 -15.06
CA ASN A 253 43.00 8.09 -14.90
C ASN A 253 43.36 8.94 -16.09
N ILE A 254 43.40 10.25 -15.87
CA ILE A 254 43.55 11.24 -16.92
C ILE A 254 44.91 11.14 -17.58
N ASP A 255 45.88 10.51 -16.94
CA ASP A 255 47.19 10.39 -17.57
C ASP A 255 47.27 9.25 -18.56
N ALA A 256 46.18 8.53 -18.79
CA ALA A 256 46.12 7.43 -19.75
C ALA A 256 44.95 7.70 -20.69
N LEU A 257 45.14 8.65 -21.60
CA LEU A 257 44.04 9.10 -22.44
C LEU A 257 43.45 7.98 -23.31
N ASP A 258 44.32 7.16 -23.91
CA ASP A 258 43.86 6.14 -24.85
C ASP A 258 43.25 4.93 -24.16
N SER A 259 43.71 4.60 -22.96
CA SER A 259 43.47 3.28 -22.36
C SER A 259 42.59 3.28 -21.14
N SER A 260 42.59 4.36 -20.36
CA SER A 260 41.84 4.36 -19.11
C SER A 260 40.35 4.10 -19.35
N PRO A 261 39.68 3.35 -18.50
CA PRO A 261 38.22 3.26 -18.61
C PRO A 261 37.54 4.57 -18.25
N PHE A 262 36.43 4.81 -18.91
CA PHE A 262 35.57 5.93 -18.58
C PHE A 262 35.08 5.87 -17.14
N LYS A 263 34.98 7.03 -16.50
CA LYS A 263 34.38 7.11 -15.19
C LYS A 263 33.04 6.39 -15.18
N ASN A 264 32.70 5.86 -14.00
CA ASN A 264 31.43 5.15 -13.88
C ASN A 264 30.25 6.02 -14.29
N VAL A 265 30.28 7.31 -13.89
CA VAL A 265 29.17 8.20 -14.19
C VAL A 265 28.95 8.48 -15.68
N TYR A 266 29.90 8.13 -16.56
CA TYR A 266 29.76 8.32 -18.00
C TYR A 266 29.71 7.03 -18.79
N LYS A 267 29.99 5.87 -18.17
CA LYS A 267 30.06 4.61 -18.91
C LYS A 267 28.85 4.43 -19.81
N ALA A 268 27.65 4.56 -19.26
CA ALA A 268 26.45 4.24 -20.02
C ALA A 268 26.30 5.16 -21.21
N MET A 269 26.82 6.37 -21.11
CA MET A 269 26.76 7.32 -22.20
C MET A 269 27.72 6.93 -23.32
N PHE A 270 28.98 6.67 -22.96
CA PHE A 270 29.99 6.32 -23.95
C PHE A 270 29.75 4.97 -24.60
N GLU A 271 29.01 4.09 -23.95
CA GLU A 271 28.65 2.82 -24.54
C GLU A 271 27.45 2.90 -25.48
N ASN A 272 26.80 4.06 -25.60
CA ASN A 272 25.71 4.22 -26.54
C ASN A 272 25.80 5.56 -27.26
N LEU A 273 27.01 5.92 -27.71
CA LEU A 273 27.28 7.27 -28.20
C LEU A 273 26.33 7.69 -29.32
N SER A 274 25.94 6.75 -30.18
CA SER A 274 25.15 7.15 -31.35
C SER A 274 23.72 7.58 -30.97
N ARG A 275 23.31 7.42 -29.71
CA ARG A 275 22.04 8.00 -29.30
C ARG A 275 22.06 9.53 -29.27
N TYR A 276 23.23 10.15 -29.12
CA TYR A 276 23.33 11.57 -28.79
C TYR A 276 23.73 12.39 -30.00
N ARG A 277 23.06 13.53 -30.16
CA ARG A 277 23.39 14.47 -31.22
C ARG A 277 24.82 15.01 -31.09
N ALA A 278 25.31 15.17 -29.87
CA ALA A 278 26.64 15.73 -29.66
C ALA A 278 27.04 15.53 -28.19
N ILE A 279 28.33 15.75 -27.93
CA ILE A 279 28.87 15.94 -26.59
C ILE A 279 29.37 17.36 -26.42
N ILE A 280 29.01 17.96 -25.31
CA ILE A 280 29.52 19.27 -24.93
C ILE A 280 30.46 19.08 -23.75
N VAL A 281 31.62 19.69 -23.82
CA VAL A 281 32.51 19.84 -22.68
C VAL A 281 32.81 21.34 -22.52
N SER A 282 33.52 21.71 -21.44
CA SER A 282 33.74 23.12 -21.15
C SER A 282 35.00 23.70 -21.81
N THR A 283 36.01 22.87 -22.04
CA THR A 283 37.33 23.35 -22.41
C THR A 283 37.73 22.80 -23.77
N GLU A 284 38.58 23.58 -24.42
CA GLU A 284 39.18 23.17 -25.68
C GLU A 284 39.90 21.83 -25.55
N GLN A 285 40.75 21.70 -24.53
CA GLN A 285 41.61 20.53 -24.48
C GLN A 285 40.80 19.27 -24.32
N GLN A 286 39.74 19.35 -23.51
CA GLN A 286 38.89 18.18 -23.33
C GLN A 286 38.10 17.85 -24.62
N LYS A 287 37.73 18.85 -25.39
CA LYS A 287 37.11 18.54 -26.67
C LYS A 287 38.03 17.69 -27.53
N LEU A 288 39.31 18.05 -27.60
CA LEU A 288 40.24 17.33 -28.44
C LEU A 288 40.59 15.95 -27.86
N ASP A 289 40.74 15.87 -26.54
CA ASP A 289 40.94 14.57 -25.92
C ASP A 289 39.73 13.66 -26.15
N VAL A 290 38.52 14.19 -25.99
CA VAL A 290 37.39 13.30 -26.11
C VAL A 290 37.14 12.90 -27.55
N GLU A 291 37.23 13.85 -28.51
CA GLU A 291 36.97 13.49 -29.91
C GLU A 291 37.96 12.44 -30.45
N LYS A 292 39.20 12.48 -29.99
CA LYS A 292 40.14 11.41 -30.31
C LYS A 292 39.69 10.06 -29.72
N ARG A 293 39.42 10.04 -28.43
CA ARG A 293 39.09 8.80 -27.76
C ARG A 293 37.89 8.10 -28.36
N ILE A 294 36.87 8.86 -28.80
CA ILE A 294 35.68 8.24 -29.35
C ILE A 294 35.76 8.10 -30.87
N ASN A 295 36.96 8.26 -31.41
CA ASN A 295 37.21 8.21 -32.85
C ASN A 295 36.20 9.02 -33.67
N HIS A 296 35.91 10.24 -33.24
CA HIS A 296 35.02 11.14 -33.98
C HIS A 296 33.64 10.56 -34.27
N THR A 297 33.13 9.63 -33.44
CA THR A 297 31.84 9.00 -33.74
C THR A 297 30.69 10.02 -33.80
N ILE A 298 30.66 10.99 -32.89
CA ILE A 298 29.69 12.09 -32.95
C ILE A 298 30.42 13.39 -32.66
N PRO A 299 29.79 14.53 -32.96
CA PRO A 299 30.46 15.83 -32.76
C PRO A 299 30.76 16.03 -31.30
N VAL A 300 31.92 16.62 -31.03
CA VAL A 300 32.30 17.12 -29.71
C VAL A 300 32.61 18.62 -29.79
N VAL A 301 31.93 19.40 -28.95
CA VAL A 301 32.05 20.88 -28.96
C VAL A 301 32.35 21.38 -27.54
N ASN A 302 32.99 22.53 -27.41
CA ASN A 302 33.30 23.12 -26.12
C ASN A 302 32.54 24.42 -25.91
N ILE A 303 31.74 24.45 -24.84
CA ILE A 303 31.05 25.66 -24.39
C ILE A 303 31.28 25.72 -22.89
N PRO A 304 31.94 26.73 -22.38
CA PRO A 304 32.19 26.78 -20.93
C PRO A 304 30.91 26.79 -20.15
N VAL A 305 30.89 26.08 -19.02
CA VAL A 305 29.71 26.08 -18.15
C VAL A 305 29.54 27.36 -17.34
N GLY A 306 30.53 28.24 -17.30
CA GLY A 306 30.47 29.45 -16.50
C GLY A 306 30.67 30.72 -17.31
N TYR A 307 30.12 31.82 -16.79
CA TYR A 307 30.21 33.12 -17.42
C TYR A 307 30.34 34.22 -16.37
N SER A 308 30.83 35.37 -16.80
CA SER A 308 30.88 36.52 -15.90
C SER A 308 29.93 37.63 -16.32
N GLU A 309 29.37 38.31 -15.31
CA GLU A 309 28.79 39.64 -15.41
C GLU A 309 29.84 40.64 -14.95
N THR A 310 29.49 41.92 -15.00
CA THR A 310 30.25 42.90 -14.24
C THR A 310 29.63 43.01 -12.85
N ILE A 311 30.47 43.39 -11.90
CA ILE A 311 30.12 43.34 -10.48
C ILE A 311 29.79 44.72 -9.99
N ASP A 312 28.69 44.84 -9.28
CA ASP A 312 28.33 46.10 -8.66
C ASP A 312 28.84 46.20 -7.24
N THR A 313 29.22 45.06 -6.62
CA THR A 313 29.84 45.05 -5.30
C THR A 313 31.30 45.47 -5.40
N PRO A 314 31.90 45.83 -4.27
CA PRO A 314 33.27 46.39 -4.31
C PRO A 314 34.31 45.37 -4.73
N VAL A 315 35.37 45.89 -5.38
CA VAL A 315 36.41 45.07 -5.96
C VAL A 315 37.75 45.57 -5.42
N GLN A 316 38.55 44.65 -4.89
CA GLN A 316 39.91 44.94 -4.49
C GLN A 316 39.98 46.12 -3.53
N THR A 317 39.16 46.07 -2.50
CA THR A 317 39.29 46.95 -1.35
C THR A 317 40.10 46.21 -0.28
N LEU A 318 41.42 46.20 -0.47
CA LEU A 318 42.27 45.37 0.36
C LEU A 318 42.64 46.03 1.68
N ASP A 319 42.67 45.20 2.72
CA ASP A 319 43.21 45.60 4.02
C ASP A 319 44.73 45.70 3.91
N GLN A 320 45.26 46.86 4.24
CA GLN A 320 46.71 47.04 4.15
C GLN A 320 47.46 46.43 5.32
N ARG A 321 46.74 45.83 6.27
CA ARG A 321 47.35 45.23 7.43
C ARG A 321 47.66 43.74 7.26
N SER A 322 46.79 42.97 6.60
CA SER A 322 46.99 41.54 6.41
C SER A 322 46.81 41.13 4.95
N VAL A 323 47.23 39.91 4.67
CA VAL A 323 47.08 39.28 3.37
C VAL A 323 45.96 38.26 3.46
N LYS A 324 44.92 38.42 2.65
CA LYS A 324 43.83 37.45 2.61
C LYS A 324 43.94 36.55 1.39
N LEU A 325 44.21 35.28 1.63
CA LEU A 325 44.16 34.24 0.61
C LEU A 325 42.83 33.51 0.78
N ILE A 326 42.26 33.05 -0.31
CA ILE A 326 40.99 32.35 -0.29
C ILE A 326 41.09 31.08 -1.11
N SER A 327 40.34 30.10 -0.66
CA SER A 327 40.09 28.88 -1.38
C SER A 327 38.58 28.70 -1.43
N VAL A 328 38.05 28.46 -2.61
CA VAL A 328 36.62 28.33 -2.84
C VAL A 328 36.44 26.95 -3.46
N ALA A 329 36.14 25.96 -2.61
CA ALA A 329 36.15 24.58 -3.05
C ALA A 329 35.58 23.67 -1.99
N ARG A 330 34.93 22.60 -2.45
CA ARG A 330 34.41 21.57 -1.58
C ARG A 330 35.52 21.00 -0.68
N TYR A 331 35.14 20.61 0.54
CA TYR A 331 36.12 20.03 1.45
C TYR A 331 36.19 18.55 1.06
N SER A 332 36.94 18.27 0.00
CA SER A 332 36.88 16.98 -0.69
C SER A 332 38.24 16.61 -1.22
N PRO A 333 38.56 15.32 -1.30
CA PRO A 333 39.95 14.90 -1.47
C PRO A 333 40.57 15.43 -2.74
N GLU A 334 39.89 15.37 -3.86
CA GLU A 334 40.53 15.82 -5.11
C GLU A 334 40.89 17.31 -5.12
N LYS A 335 40.30 18.14 -4.25
CA LYS A 335 40.76 19.52 -4.12
C LYS A 335 42.06 19.64 -3.32
N GLN A 336 42.48 18.59 -2.61
CA GLN A 336 43.79 18.56 -1.93
C GLN A 336 44.01 19.79 -1.06
N LEU A 337 43.00 20.14 -0.28
CA LEU A 337 43.06 21.36 0.49
C LEU A 337 44.06 21.26 1.64
N HIS A 338 44.44 20.05 2.04
CA HIS A 338 45.53 19.90 3.00
C HIS A 338 46.82 20.57 2.51
N GLN A 339 47.02 20.64 1.21
CA GLN A 339 48.24 21.26 0.70
C GLN A 339 48.27 22.75 0.92
N GLN A 340 47.12 23.41 0.92
CA GLN A 340 47.09 24.84 1.17
C GLN A 340 47.33 25.13 2.65
N ILE A 341 46.94 24.20 3.53
CA ILE A 341 47.26 24.38 4.94
C ILE A 341 48.75 24.23 5.19
N GLU A 342 49.40 23.32 4.48
CA GLU A 342 50.86 23.26 4.55
C GLU A 342 51.48 24.56 4.05
N LEU A 343 50.99 25.09 2.95
CA LEU A 343 51.52 26.33 2.44
C LEU A 343 51.49 27.42 3.50
N ILE A 344 50.38 27.56 4.21
CA ILE A 344 50.29 28.58 5.24
C ILE A 344 51.28 28.33 6.39
N LYS A 345 51.47 27.05 6.77
CA LYS A 345 52.46 26.72 7.79
C LYS A 345 53.81 27.30 7.43
N ARG A 346 54.19 27.17 6.16
CA ARG A 346 55.49 27.64 5.73
C ARG A 346 55.55 29.14 5.61
N LEU A 347 54.43 29.77 5.28
CA LEU A 347 54.46 31.21 5.07
C LEU A 347 54.32 31.98 6.36
N VAL A 348 53.72 31.39 7.40
CA VAL A 348 53.36 32.17 8.58
C VAL A 348 54.58 32.71 9.30
N SER A 349 55.73 32.00 9.23
CA SER A 349 56.97 32.46 9.84
C SER A 349 57.60 33.62 9.08
N TYR A 350 57.20 33.83 7.84
CA TYR A 350 57.75 34.90 7.03
C TYR A 350 56.80 36.08 6.91
N VAL A 351 55.51 35.82 6.78
CA VAL A 351 54.54 36.90 6.73
C VAL A 351 53.47 36.57 7.74
N PRO A 352 53.60 37.03 9.00
CA PRO A 352 52.69 36.55 10.04
C PRO A 352 51.32 37.17 10.01
N LYS A 353 51.08 38.22 9.25
CA LYS A 353 49.72 38.76 9.18
C LYS A 353 48.96 38.14 8.01
N ILE A 354 48.99 36.82 7.87
CA ILE A 354 48.34 36.16 6.74
C ILE A 354 47.08 35.44 7.17
N GLU A 355 46.15 35.32 6.26
CA GLU A 355 44.92 34.60 6.54
C GLU A 355 44.51 33.81 5.31
N LEU A 356 44.07 32.57 5.54
CA LEU A 356 43.51 31.71 4.50
C LEU A 356 42.08 31.36 4.86
N HIS A 357 41.15 31.76 4.03
CA HIS A 357 39.73 31.51 4.24
C HIS A 357 39.26 30.50 3.21
N MET A 358 38.68 29.43 3.69
CA MET A 358 38.34 28.29 2.86
C MET A 358 36.82 28.17 2.87
N TYR A 359 36.19 28.42 1.73
CA TYR A 359 34.75 28.33 1.61
C TYR A 359 34.33 27.02 0.92
N GLY A 360 33.54 26.24 1.63
CA GLY A 360 32.95 25.05 1.07
C GLY A 360 32.41 24.18 2.18
N PHE A 361 32.21 22.90 1.83
CA PHE A 361 31.67 21.89 2.73
C PHE A 361 32.12 20.52 2.23
N GLY A 362 32.16 19.55 3.13
CA GLY A 362 32.40 18.19 2.69
C GLY A 362 33.06 17.36 3.75
N SER A 363 33.27 16.09 3.38
CA SER A 363 33.71 15.08 4.32
C SER A 363 35.08 15.36 4.91
N GLU A 364 35.97 16.01 4.16
CA GLU A 364 37.33 16.26 4.63
C GLU A 364 37.42 17.31 5.74
N SER A 365 36.32 17.94 6.12
CA SER A 365 36.41 19.07 7.05
C SER A 365 36.97 18.68 8.41
N LYS A 366 36.86 17.41 8.82
CA LYS A 366 37.44 17.01 10.08
C LYS A 366 38.93 16.83 9.97
N LYS A 367 39.42 16.19 8.91
CA LYS A 367 40.85 16.05 8.77
C LYS A 367 41.49 17.41 8.64
N LEU A 368 40.81 18.36 7.97
CA LEU A 368 41.40 19.67 7.77
C LEU A 368 41.44 20.47 9.05
N ASN A 369 40.38 20.42 9.86
CA ASN A 369 40.45 21.03 11.18
C ASN A 369 41.53 20.41 12.05
N GLU A 370 41.63 19.09 12.10
CA GLU A 370 42.71 18.44 12.85
C GLU A 370 44.07 18.88 12.31
N LEU A 371 44.19 19.08 11.02
CA LEU A 371 45.48 19.47 10.51
C LEU A 371 45.84 20.88 10.96
N ILE A 372 44.84 21.77 11.04
CA ILE A 372 45.08 23.14 11.47
C ILE A 372 45.53 23.18 12.92
N GLN A 373 44.85 22.43 13.79
CA GLN A 373 45.29 22.35 15.19
C GLN A 373 46.69 21.75 15.32
N LYS A 374 46.95 20.61 14.69
CA LYS A 374 48.28 20.03 14.73
C LYS A 374 49.34 21.09 14.53
N TYR A 375 49.10 22.04 13.62
CA TYR A 375 50.08 23.07 13.29
C TYR A 375 49.84 24.40 14.05
N GLY A 376 48.86 24.47 14.94
CA GLY A 376 48.67 25.74 15.62
C GLY A 376 48.36 26.90 14.69
N LEU A 377 47.51 26.68 13.71
CA LEU A 377 47.17 27.67 12.73
C LEU A 377 45.73 28.13 12.89
N GLU A 378 45.11 27.89 14.04
CA GLU A 378 43.72 28.31 14.23
C GLU A 378 43.55 29.82 14.04
N ASN A 379 44.61 30.58 14.26
CA ASN A 379 44.53 32.02 14.10
C ASN A 379 44.61 32.47 12.64
N HIS A 380 44.96 31.59 11.74
CA HIS A 380 45.37 31.95 10.38
C HIS A 380 44.56 31.26 9.31
N VAL A 381 44.05 30.06 9.54
CA VAL A 381 43.28 29.32 8.54
C VAL A 381 41.88 29.15 9.10
N TYR A 382 40.89 29.52 8.29
CA TYR A 382 39.50 29.57 8.70
C TYR A 382 38.65 28.75 7.75
N LEU A 383 38.21 27.59 8.20
CA LEU A 383 37.15 26.86 7.49
C LEU A 383 35.85 27.61 7.67
N ARG A 384 35.47 28.35 6.64
CA ARG A 384 34.34 29.26 6.72
C ARG A 384 33.00 28.63 6.38
N GLY A 385 32.97 27.36 6.02
CA GLY A 385 31.74 26.75 5.63
C GLY A 385 31.25 27.24 4.28
N PHE A 386 30.02 26.88 3.94
CA PHE A 386 29.43 27.25 2.66
C PHE A 386 28.65 28.53 2.85
N LEU A 387 29.01 29.56 2.11
CA LEU A 387 28.26 30.80 2.02
C LEU A 387 27.59 30.85 0.65
N SER A 388 26.30 31.19 0.63
CA SER A 388 25.55 31.23 -0.63
C SER A 388 25.80 32.50 -1.39
N ASN A 389 26.28 33.55 -0.74
CA ASN A 389 26.76 34.73 -1.45
C ASN A 389 28.20 34.99 -1.03
N LEU A 390 29.10 34.96 -2.00
CA LEU A 390 30.50 35.21 -1.76
C LEU A 390 30.94 36.62 -2.13
N ASP A 391 30.05 37.46 -2.66
CA ASP A 391 30.49 38.73 -3.26
C ASP A 391 31.38 39.53 -2.30
N GLN A 392 30.95 39.67 -1.05
CA GLN A 392 31.71 40.47 -0.08
C GLN A 392 33.05 39.79 0.28
N GLU A 393 33.10 38.48 0.24
CA GLU A 393 34.34 37.81 0.59
C GLU A 393 35.42 38.03 -0.45
N TYR A 394 35.06 38.20 -1.73
CA TYR A 394 36.06 38.47 -2.75
C TYR A 394 36.56 39.90 -2.67
N SER A 395 35.83 40.81 -2.04
CA SER A 395 36.21 42.21 -2.05
C SER A 395 37.64 42.44 -1.53
N ASP A 396 38.01 41.77 -0.45
CA ASP A 396 39.32 41.98 0.18
C ASP A 396 40.28 40.80 -0.02
N ALA A 397 40.08 40.02 -1.06
CA ALA A 397 40.92 38.85 -1.31
C ALA A 397 42.09 39.22 -2.20
N TYR A 398 43.28 38.85 -1.73
CA TYR A 398 44.54 39.17 -2.39
C TYR A 398 44.82 38.17 -3.47
N LEU A 399 44.43 36.92 -3.27
CA LEU A 399 44.87 35.81 -4.10
C LEU A 399 43.92 34.64 -3.89
N SER A 400 43.67 33.87 -4.93
CA SER A 400 42.85 32.64 -4.84
C SER A 400 43.77 31.44 -5.11
N LEU A 401 43.59 30.33 -4.40
CA LEU A 401 44.44 29.16 -4.58
C LEU A 401 43.65 27.97 -5.06
N ILE A 402 44.19 27.23 -6.02
CA ILE A 402 43.60 25.99 -6.49
C ILE A 402 44.67 24.91 -6.50
N THR A 403 44.48 23.86 -5.71
CA THR A 403 45.43 22.76 -5.63
C THR A 403 44.79 21.43 -6.07
N SER A 404 43.73 21.53 -6.85
CA SER A 404 42.96 20.38 -7.26
C SER A 404 43.77 19.55 -8.23
N ASN A 405 43.47 18.25 -8.30
CA ASN A 405 44.10 17.39 -9.29
C ASN A 405 43.15 17.03 -10.44
N MET A 406 41.96 17.61 -10.47
CA MET A 406 40.92 17.16 -11.40
C MET A 406 39.82 18.20 -11.43
N GLU A 407 39.62 18.80 -12.60
CA GLU A 407 38.51 19.70 -12.80
C GLU A 407 37.89 19.48 -14.18
N GLY A 408 36.64 19.90 -14.31
CA GLY A 408 36.05 20.05 -15.63
C GLY A 408 36.21 21.43 -16.24
N PHE A 409 36.19 22.45 -15.36
CA PHE A 409 36.32 23.85 -15.78
C PHE A 409 36.83 24.67 -14.60
N SER A 410 36.12 24.54 -13.46
CA SER A 410 36.25 25.28 -12.22
C SER A 410 35.49 26.60 -12.29
N LEU A 411 34.23 26.56 -11.87
CA LEU A 411 33.44 27.79 -11.81
C LEU A 411 34.05 28.76 -10.81
N ALA A 412 34.59 28.25 -9.72
CA ALA A 412 35.23 29.12 -8.75
C ALA A 412 36.44 29.87 -9.30
N LEU A 413 37.20 29.26 -10.21
CA LEU A 413 38.30 29.98 -10.85
C LEU A 413 37.82 31.19 -11.64
N LEU A 414 36.84 31.03 -12.53
CA LEU A 414 36.35 32.18 -13.30
C LEU A 414 35.67 33.22 -12.41
N GLU A 415 34.89 32.76 -11.43
CA GLU A 415 34.25 33.66 -10.47
C GLU A 415 35.26 34.52 -9.73
N SER A 416 36.40 33.94 -9.36
CA SER A 416 37.47 34.68 -8.73
C SER A 416 38.03 35.75 -9.66
N LEU A 417 38.35 35.37 -10.89
CA LEU A 417 38.86 36.31 -11.87
C LEU A 417 37.88 37.46 -12.09
N ALA A 418 36.60 37.15 -12.24
CA ALA A 418 35.58 38.15 -12.43
C ALA A 418 35.45 39.14 -11.29
N HIS A 419 35.85 38.80 -10.06
CA HIS A 419 35.91 39.78 -8.97
C HIS A 419 37.28 40.42 -8.85
N GLY A 420 38.12 40.25 -9.88
CA GLY A 420 39.46 40.79 -9.88
C GLY A 420 40.43 40.15 -8.91
N VAL A 421 40.22 38.92 -8.54
CA VAL A 421 41.12 38.22 -7.62
C VAL A 421 41.97 37.29 -8.45
N PRO A 422 43.26 37.53 -8.57
CA PRO A 422 44.09 36.68 -9.40
C PRO A 422 44.24 35.32 -8.72
N VAL A 423 44.63 34.34 -9.52
CA VAL A 423 44.57 32.95 -9.11
C VAL A 423 45.93 32.30 -9.35
N ILE A 424 46.33 31.44 -8.44
CA ILE A 424 47.47 30.55 -8.62
C ILE A 424 46.96 29.13 -8.55
N SER A 425 47.21 28.34 -9.58
CA SER A 425 46.57 27.05 -9.73
C SER A 425 47.54 26.05 -10.29
N TYR A 426 47.46 24.81 -9.82
CA TYR A 426 48.12 23.73 -10.55
C TYR A 426 47.56 23.68 -11.97
N ASP A 427 48.41 23.26 -12.89
CA ASP A 427 48.10 23.13 -14.31
C ASP A 427 47.64 21.71 -14.55
N ILE A 428 46.35 21.51 -14.46
CA ILE A 428 45.75 20.20 -14.53
C ILE A 428 44.61 20.26 -15.53
N LYS A 429 44.23 19.08 -16.01
CA LYS A 429 43.03 18.89 -16.80
C LYS A 429 41.82 18.88 -15.90
N TYR A 430 40.86 19.77 -16.11
CA TYR A 430 40.77 20.68 -17.27
C TYR A 430 40.30 22.05 -16.82
N GLY A 431 40.89 23.12 -17.38
CA GLY A 431 40.35 24.42 -17.12
C GLY A 431 41.39 25.47 -16.82
N PRO A 432 42.19 25.22 -15.81
CA PRO A 432 43.11 26.27 -15.37
C PRO A 432 43.99 26.87 -16.47
N ASN A 433 44.53 26.08 -17.38
CA ASN A 433 45.45 26.70 -18.34
C ASN A 433 44.74 27.43 -19.50
N GLU A 434 43.47 27.16 -19.70
CA GLU A 434 42.63 28.00 -20.52
C GLU A 434 42.16 29.28 -19.83
N LEU A 435 42.14 29.33 -18.51
CA LEU A 435 41.63 30.48 -17.78
C LEU A 435 42.71 31.37 -17.20
N ILE A 436 43.91 30.84 -17.00
CA ILE A 436 45.04 31.57 -16.46
C ILE A 436 46.12 31.66 -17.52
N THR A 437 46.59 32.87 -17.78
CA THR A 437 47.82 33.10 -18.54
C THR A 437 48.93 33.52 -17.57
N SER A 438 49.92 32.65 -17.39
CA SER A 438 50.95 32.94 -16.41
C SER A 438 51.48 34.36 -16.58
N ASP A 439 51.53 35.09 -15.48
CA ASP A 439 52.06 36.45 -15.37
C ASP A 439 51.10 37.48 -15.94
N PHE A 440 49.94 37.05 -16.42
CA PHE A 440 48.87 37.97 -16.79
C PHE A 440 47.80 38.13 -15.70
N ASN A 441 47.14 37.02 -15.32
CA ASN A 441 46.09 37.07 -14.30
C ASN A 441 46.31 36.03 -13.19
N GLY A 442 47.50 35.46 -13.15
CA GLY A 442 47.85 34.46 -12.14
C GLY A 442 49.10 33.71 -12.57
N TYR A 443 49.26 32.50 -12.02
CA TYR A 443 50.38 31.67 -12.39
C TYR A 443 49.88 30.24 -12.40
N LEU A 444 50.36 29.47 -13.36
CA LEU A 444 50.14 28.04 -13.38
C LEU A 444 51.41 27.36 -12.88
N ILE A 445 51.22 26.20 -12.24
CA ILE A 445 52.26 25.53 -11.47
C ILE A 445 52.16 24.03 -11.74
N THR A 446 53.30 23.38 -11.90
CA THR A 446 53.26 21.96 -12.17
C THR A 446 52.53 21.21 -11.06
N LYS A 447 51.66 20.28 -11.46
CA LYS A 447 50.79 19.57 -10.56
C LYS A 447 51.59 19.02 -9.40
N ASN A 448 51.20 19.43 -8.19
CA ASN A 448 51.69 18.92 -6.92
C ASN A 448 53.10 19.36 -6.60
N ASP A 449 53.62 20.31 -7.34
CA ASP A 449 54.89 20.95 -6.99
C ASP A 449 54.60 22.01 -5.92
N GLU A 450 54.62 21.58 -4.66
CA GLU A 450 54.34 22.49 -3.56
C GLU A 450 55.45 23.50 -3.30
N ASP A 451 56.69 23.25 -3.72
CA ASP A 451 57.72 24.28 -3.61
C ASP A 451 57.46 25.46 -4.56
N ALA A 452 57.23 25.15 -5.84
CA ALA A 452 56.90 26.20 -6.79
C ALA A 452 55.67 26.95 -6.33
N LEU A 453 54.72 26.25 -5.70
CA LEU A 453 53.55 26.93 -5.15
C LEU A 453 53.99 27.99 -4.15
N PHE A 454 54.80 27.59 -3.16
CA PHE A 454 55.27 28.52 -2.13
C PHE A 454 56.02 29.70 -2.73
N ASP A 455 56.88 29.42 -3.71
CA ASP A 455 57.72 30.45 -4.32
C ASP A 455 56.85 31.53 -4.98
N LYS A 456 55.86 31.12 -5.76
CA LYS A 456 55.10 32.09 -6.53
C LYS A 456 54.12 32.83 -5.64
N VAL A 457 53.54 32.16 -4.64
CA VAL A 457 52.66 32.87 -3.73
C VAL A 457 53.45 33.86 -2.88
N LYS A 458 54.61 33.45 -2.40
CA LYS A 458 55.52 34.41 -1.77
C LYS A 458 55.88 35.57 -2.69
N TYR A 459 56.15 35.29 -3.97
CA TYR A 459 56.48 36.37 -4.89
C TYR A 459 55.40 37.45 -4.96
N VAL A 460 54.13 37.04 -4.99
CA VAL A 460 53.03 38.00 -5.12
C VAL A 460 52.80 38.75 -3.81
N ILE A 461 53.00 38.08 -2.68
CA ILE A 461 52.94 38.76 -1.39
C ILE A 461 54.03 39.81 -1.32
N ASP A 462 55.24 39.45 -1.74
CA ASP A 462 56.33 40.42 -1.73
C ASP A 462 56.12 41.62 -2.66
N HIS A 463 55.28 41.51 -3.68
CA HIS A 463 55.17 42.52 -4.73
C HIS A 463 53.73 42.96 -4.94
N PRO A 464 53.21 43.72 -4.02
CA PRO A 464 51.82 44.19 -4.16
C PRO A 464 51.53 44.87 -5.47
N GLU A 465 52.54 45.45 -6.11
CA GLU A 465 52.38 46.04 -7.43
C GLU A 465 52.10 44.98 -8.49
N VAL A 466 52.74 43.82 -8.37
CA VAL A 466 52.43 42.70 -9.25
C VAL A 466 51.01 42.24 -9.05
N GLN A 467 50.57 42.14 -7.78
CA GLN A 467 49.21 41.69 -7.52
C GLN A 467 48.19 42.64 -8.12
N GLN A 468 48.48 43.94 -8.08
CA GLN A 468 47.63 44.91 -8.76
C GLN A 468 47.56 44.68 -10.26
N ARG A 469 48.69 44.38 -10.88
CA ARG A 469 48.70 44.14 -12.31
C ARG A 469 47.94 42.86 -12.68
N LEU A 470 48.19 41.77 -11.95
CA LEU A 470 47.47 40.53 -12.20
C LEU A 470 45.99 40.67 -11.90
N SER A 471 45.63 41.45 -10.90
CA SER A 471 44.21 41.76 -10.70
C SER A 471 43.54 42.30 -11.97
N LYS A 472 44.17 43.30 -12.60
CA LYS A 472 43.52 43.93 -13.74
C LYS A 472 43.52 42.97 -14.92
N GLY A 473 44.55 42.16 -15.03
CA GLY A 473 44.48 41.13 -16.04
C GLY A 473 43.35 40.15 -15.81
N SER A 474 42.95 39.97 -14.54
CA SER A 474 41.85 39.07 -14.22
C SER A 474 40.53 39.63 -14.69
N LEU A 475 40.25 40.90 -14.39
CA LEU A 475 39.04 41.50 -14.97
C LEU A 475 39.01 41.40 -16.50
N ALA A 476 40.17 41.43 -17.13
CA ALA A 476 40.24 41.37 -18.59
C ALA A 476 39.94 39.97 -19.11
N LYS A 477 40.63 38.97 -18.57
CA LYS A 477 40.36 37.59 -18.95
C LYS A 477 38.91 37.25 -18.69
N ALA A 478 38.36 37.70 -17.57
CA ALA A 478 36.97 37.38 -17.29
C ALA A 478 36.04 37.85 -18.39
N GLN A 479 36.43 38.92 -19.09
CA GLN A 479 35.60 39.46 -20.17
C GLN A 479 35.52 38.51 -21.34
N GLN A 480 36.55 37.69 -21.53
CA GLN A 480 36.47 36.66 -22.57
C GLN A 480 35.44 35.56 -22.29
N TYR A 481 34.92 35.51 -21.07
CA TYR A 481 33.86 34.59 -20.66
C TYR A 481 32.58 35.37 -20.35
N SER A 482 32.39 36.52 -20.97
CA SER A 482 31.21 37.31 -20.64
C SER A 482 29.92 36.59 -21.01
N LYS A 483 28.84 37.06 -20.42
CA LYS A 483 27.50 36.59 -20.77
C LYS A 483 27.24 36.66 -22.27
N ALA A 484 27.64 37.76 -22.89
CA ALA A 484 27.41 37.89 -24.33
C ALA A 484 28.22 36.87 -25.11
N SER A 485 29.47 36.67 -24.72
CA SER A 485 30.29 35.64 -25.38
C SER A 485 29.62 34.26 -25.31
N LEU A 486 29.12 33.88 -24.16
CA LEU A 486 28.47 32.58 -24.03
C LEU A 486 27.14 32.51 -24.80
N ILE A 487 26.32 33.57 -24.74
CA ILE A 487 25.11 33.56 -25.55
C ILE A 487 25.40 33.34 -27.03
N LYS A 488 26.48 33.92 -27.53
CA LYS A 488 26.73 33.82 -28.95
C LYS A 488 27.02 32.38 -29.36
N GLN A 489 27.71 31.63 -28.49
CA GLN A 489 27.99 30.23 -28.76
C GLN A 489 26.75 29.37 -28.57
N TRP A 490 25.93 29.64 -27.54
CA TRP A 490 24.75 28.80 -27.35
C TRP A 490 23.77 28.99 -28.49
N ASP A 491 23.60 30.23 -28.95
CA ASP A 491 22.68 30.46 -30.06
C ASP A 491 23.12 29.72 -31.33
N GLN A 492 24.38 29.82 -31.68
CA GLN A 492 24.80 29.08 -32.86
C GLN A 492 24.59 27.58 -32.66
N PHE A 493 24.94 27.04 -31.48
CA PHE A 493 24.82 25.60 -31.24
C PHE A 493 23.37 25.13 -31.42
N VAL A 494 22.42 25.84 -30.81
CA VAL A 494 21.02 25.41 -30.83
C VAL A 494 20.45 25.51 -32.23
N ARG A 495 20.93 26.47 -33.02
CA ARG A 495 20.46 26.62 -34.39
C ARG A 495 20.94 25.51 -35.29
N LEU A 496 22.07 24.88 -34.99
CA LEU A 496 22.64 23.88 -35.86
C LEU A 496 22.43 22.44 -35.41
N ILE A 497 21.97 22.20 -34.18
CA ILE A 497 22.08 20.85 -33.63
C ILE A 497 20.98 19.93 -34.12
N LEU A 498 19.79 20.42 -34.42
CA LEU A 498 18.71 19.55 -34.88
C LEU A 498 18.87 19.16 -36.36
N GLU A 499 18.22 18.06 -36.73
CA GLU A 499 18.43 17.44 -38.04
C GLU A 499 17.56 18.12 -39.09
N HIS A 500 17.99 18.03 -40.37
CA HIS A 500 17.32 18.66 -41.52
C HIS A 500 17.92 18.10 -42.80
N ALA B 1 -38.83 2.72 13.92
CA ALA B 1 -38.02 1.80 14.85
C ALA B 1 -37.68 0.49 14.11
N MET B 2 -36.39 0.22 13.95
CA MET B 2 -35.87 -0.86 13.14
C MET B 2 -35.42 -2.00 14.03
N ASN B 3 -35.64 -3.23 13.56
CA ASN B 3 -35.15 -4.45 14.20
C ASN B 3 -33.97 -4.97 13.38
N TYR B 4 -32.81 -5.11 14.02
CA TYR B 4 -31.61 -5.52 13.32
C TYR B 4 -31.14 -6.88 13.81
N PHE B 5 -30.99 -7.81 12.89
CA PHE B 5 -30.47 -9.14 13.17
C PHE B 5 -29.03 -9.25 12.70
N VAL B 6 -28.10 -9.50 13.62
CA VAL B 6 -26.68 -9.25 13.38
C VAL B 6 -25.99 -10.60 13.34
N GLY B 7 -25.55 -10.99 12.16
CA GLY B 7 -24.74 -12.19 12.03
C GLY B 7 -23.39 -11.88 11.40
N ASN B 8 -22.74 -12.85 10.76
CA ASN B 8 -21.42 -12.56 10.18
C ASN B 8 -21.50 -12.36 8.66
N SER B 9 -21.92 -13.36 7.91
CA SER B 9 -22.16 -13.13 6.49
C SER B 9 -23.14 -14.18 6.02
N LEU B 10 -23.37 -14.19 4.72
CA LEU B 10 -24.09 -15.25 4.02
C LEU B 10 -23.15 -15.94 3.07
N GLY B 11 -22.96 -17.23 3.23
CA GLY B 11 -22.10 -17.93 2.32
C GLY B 11 -22.78 -18.21 1.00
N VAL B 12 -22.00 -18.82 0.11
CA VAL B 12 -22.52 -19.31 -1.15
C VAL B 12 -23.51 -20.43 -0.88
N ASN B 13 -23.27 -21.21 0.16
CA ASN B 13 -24.21 -22.20 0.70
C ASN B 13 -24.61 -21.81 2.10
N LEU B 14 -25.94 -21.68 2.30
CA LEU B 14 -26.49 -21.20 3.58
C LEU B 14 -26.20 -22.22 4.70
N THR B 15 -25.69 -21.70 5.79
CA THR B 15 -25.65 -22.41 7.06
C THR B 15 -27.04 -22.39 7.75
N GLY B 16 -27.17 -23.22 8.78
CA GLY B 16 -28.35 -23.18 9.64
C GLY B 16 -28.62 -21.82 10.26
N ILE B 17 -27.59 -21.21 10.83
CA ILE B 17 -27.82 -19.94 11.50
C ILE B 17 -28.23 -18.85 10.52
N GLU B 18 -27.61 -18.82 9.35
CA GLU B 18 -28.02 -17.87 8.31
C GLU B 18 -29.46 -18.13 7.89
N LYS B 19 -29.87 -19.39 7.76
CA LYS B 19 -31.27 -19.64 7.42
C LYS B 19 -32.24 -19.15 8.51
N ALA B 20 -31.89 -19.36 9.77
CA ALA B 20 -32.72 -18.86 10.87
C ALA B 20 -32.90 -17.37 10.77
N ILE B 21 -31.82 -16.63 10.48
CA ILE B 21 -31.92 -15.18 10.34
C ILE B 21 -32.85 -14.81 9.21
N ILE B 22 -32.74 -15.51 8.09
CA ILE B 22 -33.65 -15.23 6.99
C ILE B 22 -35.07 -15.61 7.34
N ASN B 23 -35.25 -16.74 8.03
CA ASN B 23 -36.60 -17.08 8.45
C ASN B 23 -37.23 -15.95 9.26
N ARG B 24 -36.44 -15.33 10.15
CA ARG B 24 -36.97 -14.31 11.04
C ARG B 24 -37.29 -13.05 10.28
N LEU B 25 -36.45 -12.69 9.31
CA LEU B 25 -36.78 -11.54 8.48
C LEU B 25 -38.10 -11.75 7.74
N ASN B 26 -38.29 -12.95 7.21
CA ASN B 26 -39.54 -13.23 6.53
C ASN B 26 -40.74 -13.18 7.48
N LEU B 27 -40.55 -13.59 8.73
CA LEU B 27 -41.66 -13.53 9.66
C LEU B 27 -41.96 -12.09 10.04
N PHE B 28 -40.93 -11.27 10.27
CA PHE B 28 -41.16 -9.85 10.54
C PHE B 28 -41.76 -9.16 9.32
N LYS B 29 -41.37 -9.58 8.12
CA LYS B 29 -41.92 -8.95 6.94
C LYS B 29 -43.42 -9.21 6.86
N GLU B 30 -43.84 -10.42 7.22
CA GLU B 30 -45.23 -10.78 7.05
C GLU B 30 -46.14 -10.13 8.09
N MET B 31 -45.61 -9.83 9.27
CA MET B 31 -46.37 -9.14 10.30
C MET B 31 -46.20 -7.64 10.21
N GLY B 32 -45.45 -7.16 9.25
CA GLY B 32 -45.37 -5.73 9.06
C GLY B 32 -44.38 -4.98 9.90
N ARG B 33 -43.43 -5.64 10.56
CA ARG B 33 -42.50 -4.93 11.42
C ARG B 33 -41.20 -4.73 10.68
N PRO B 34 -40.58 -3.55 10.71
CA PRO B 34 -39.31 -3.38 9.99
C PRO B 34 -38.21 -4.25 10.56
N ALA B 35 -37.47 -4.90 9.66
CA ALA B 35 -36.31 -5.68 10.01
C ALA B 35 -35.25 -5.64 8.91
N GLN B 36 -34.01 -5.66 9.34
CA GLN B 36 -32.89 -5.77 8.42
C GLN B 36 -31.84 -6.72 8.99
N CYS B 37 -31.31 -7.56 8.14
CA CYS B 37 -30.11 -8.28 8.52
C CYS B 37 -28.92 -7.33 8.50
N VAL B 38 -27.98 -7.57 9.41
CA VAL B 38 -26.72 -6.84 9.48
C VAL B 38 -25.57 -7.85 9.42
N PHE B 39 -24.64 -7.61 8.53
CA PHE B 39 -23.56 -8.54 8.29
C PHE B 39 -22.25 -7.84 8.53
N LEU B 40 -21.34 -8.49 9.23
CA LEU B 40 -20.15 -7.79 9.70
C LEU B 40 -18.94 -7.97 8.80
N SER B 41 -18.69 -9.15 8.31
CA SER B 41 -17.40 -9.43 7.70
C SER B 41 -17.36 -8.98 6.25
N TRP B 42 -16.13 -8.76 5.73
CA TRP B 42 -15.92 -8.39 4.34
C TRP B 42 -16.25 -9.58 3.44
N ASN B 43 -17.25 -9.43 2.56
CA ASN B 43 -17.61 -10.50 1.62
C ASN B 43 -18.08 -9.90 0.29
N ARG B 44 -17.18 -9.87 -0.68
CA ARG B 44 -17.42 -9.25 -1.96
C ARG B 44 -18.35 -10.07 -2.82
N TYR B 45 -18.77 -11.23 -2.35
CA TYR B 45 -19.79 -12.03 -3.03
C TYR B 45 -21.16 -11.96 -2.35
N LEU B 46 -21.29 -11.24 -1.24
CA LEU B 46 -22.56 -11.16 -0.51
C LEU B 46 -23.74 -10.81 -1.42
N TYR B 47 -23.58 -9.85 -2.30
CA TYR B 47 -24.72 -9.44 -3.09
C TYR B 47 -25.22 -10.61 -3.91
N ARG B 48 -24.31 -11.45 -4.36
CA ARG B 48 -24.74 -12.60 -5.12
C ARG B 48 -25.34 -13.65 -4.21
N ASN B 49 -24.69 -13.90 -3.06
CA ASN B 49 -25.15 -14.93 -2.13
C ASN B 49 -26.53 -14.64 -1.55
N ALA B 50 -26.90 -13.37 -1.43
CA ALA B 50 -28.19 -12.99 -0.91
C ALA B 50 -29.34 -13.16 -1.90
N GLN B 51 -29.04 -13.33 -3.19
CA GLN B 51 -30.04 -13.04 -4.21
C GLN B 51 -31.20 -14.03 -4.20
N ASN B 52 -30.95 -15.27 -3.82
CA ASN B 52 -32.02 -16.25 -3.75
C ASN B 52 -32.96 -16.07 -2.56
N TYR B 53 -32.62 -15.21 -1.57
CA TYR B 53 -33.30 -15.29 -0.28
C TYR B 53 -33.86 -13.96 0.18
N ILE B 54 -33.14 -12.86 -0.06
CA ILE B 54 -33.53 -11.54 0.41
C ILE B 54 -33.16 -10.52 -0.65
N THR B 55 -33.57 -9.28 -0.41
CA THR B 55 -33.32 -8.20 -1.36
C THR B 55 -32.23 -7.28 -0.84
N SER B 56 -31.69 -6.48 -1.76
CA SER B 56 -30.59 -5.56 -1.40
C SER B 56 -30.99 -4.55 -0.36
N SER B 57 -32.30 -4.38 -0.10
CA SER B 57 -32.77 -3.46 0.91
C SER B 57 -32.89 -4.09 2.27
N ASP B 58 -32.94 -5.41 2.34
CA ASP B 58 -33.10 -6.14 3.59
C ASP B 58 -31.79 -6.38 4.38
N TYR B 59 -30.63 -5.88 3.93
CA TYR B 59 -29.41 -6.03 4.69
C TYR B 59 -28.48 -4.84 4.53
N ILE B 60 -27.69 -4.62 5.57
CA ILE B 60 -26.56 -3.71 5.60
C ILE B 60 -25.33 -4.54 5.95
N ASN B 61 -24.28 -4.44 5.15
CA ASN B 61 -23.00 -5.06 5.48
C ASN B 61 -22.03 -3.96 5.89
N MET B 62 -21.26 -4.21 6.95
CA MET B 62 -20.47 -3.13 7.53
C MET B 62 -19.42 -2.58 6.58
N TYR B 63 -18.73 -3.46 5.86
CA TYR B 63 -17.77 -2.99 4.86
C TYR B 63 -18.48 -2.25 3.72
N ASP B 64 -19.65 -2.73 3.30
CA ASP B 64 -20.43 -1.95 2.34
C ASP B 64 -20.69 -0.54 2.86
N PHE B 65 -20.98 -0.42 4.16
CA PHE B 65 -21.41 0.86 4.72
C PHE B 65 -20.27 1.89 4.61
N PHE B 66 -19.05 1.52 5.05
CA PHE B 66 -17.89 2.41 4.99
C PHE B 66 -17.33 2.55 3.57
N GLN B 67 -17.57 1.57 2.71
CA GLN B 67 -17.14 1.60 1.32
C GLN B 67 -18.15 2.32 0.44
N GLU B 68 -19.27 2.75 0.99
CA GLU B 68 -20.23 3.58 0.26
C GLU B 68 -20.85 2.78 -0.86
N ALA B 69 -21.01 1.49 -0.60
CA ALA B 69 -21.71 0.59 -1.51
C ALA B 69 -22.93 -0.06 -0.88
N THR B 70 -23.43 0.48 0.23
CA THR B 70 -24.59 -0.09 0.90
C THR B 70 -25.83 0.21 0.06
N TYR B 71 -26.55 -0.84 -0.32
CA TYR B 71 -27.69 -0.80 -1.25
C TYR B 71 -27.31 -0.59 -2.72
N LEU B 72 -26.04 -0.62 -3.10
CA LEU B 72 -25.65 -0.45 -4.49
C LEU B 72 -25.89 -1.73 -5.29
N GLU B 73 -26.31 -1.54 -6.53
CA GLU B 73 -26.69 -2.65 -7.37
C GLU B 73 -25.59 -2.98 -8.38
N ARG B 74 -25.71 -4.17 -8.94
CA ARG B 74 -24.87 -4.62 -10.03
C ARG B 74 -24.69 -3.57 -11.11
N ASN B 75 -23.49 -3.55 -11.65
CA ASN B 75 -23.11 -2.58 -12.65
C ASN B 75 -23.41 -3.06 -14.07
N GLU B 76 -23.28 -2.13 -15.00
CA GLU B 76 -23.21 -2.49 -16.40
C GLU B 76 -22.03 -3.44 -16.61
N PRO B 77 -22.24 -4.61 -17.19
CA PRO B 77 -21.13 -5.59 -17.26
C PRO B 77 -20.04 -5.10 -18.21
N PHE B 78 -18.79 -5.18 -17.75
CA PHE B 78 -17.64 -4.58 -18.41
C PHE B 78 -16.70 -5.67 -18.92
N ASP B 79 -16.27 -5.52 -20.16
CA ASP B 79 -15.51 -6.55 -20.86
C ASP B 79 -14.04 -6.30 -20.59
N TRP B 80 -13.50 -7.02 -19.62
CA TRP B 80 -12.09 -6.90 -19.30
C TRP B 80 -11.18 -7.49 -20.38
N LEU B 81 -11.52 -8.66 -20.92
CA LEU B 81 -10.70 -9.26 -21.98
C LEU B 81 -10.48 -8.29 -23.13
N SER B 82 -11.54 -7.67 -23.60
CA SER B 82 -11.41 -6.75 -24.70
C SER B 82 -10.66 -5.49 -24.28
N TYR B 83 -10.89 -4.99 -23.06
CA TYR B 83 -10.13 -3.83 -22.62
C TYR B 83 -8.64 -4.12 -22.61
N TRP B 84 -8.24 -5.32 -22.22
CA TRP B 84 -6.82 -5.60 -22.08
C TRP B 84 -6.15 -5.81 -23.44
N THR B 85 -6.83 -6.48 -24.38
CA THR B 85 -6.24 -6.67 -25.70
C THR B 85 -6.46 -5.47 -26.62
N ASP B 86 -7.69 -4.94 -26.67
CA ASP B 86 -7.97 -3.87 -27.63
C ASP B 86 -7.50 -2.50 -27.16
N GLU B 87 -7.74 -2.17 -25.90
CA GLU B 87 -7.36 -0.85 -25.40
C GLU B 87 -5.96 -0.81 -24.83
N CYS B 88 -5.52 -1.90 -24.21
CA CYS B 88 -4.23 -1.93 -23.55
C CYS B 88 -3.13 -2.53 -24.41
N HIS B 89 -3.47 -3.39 -25.35
CA HIS B 89 -2.49 -4.04 -26.21
C HIS B 89 -1.61 -5.02 -25.45
N TYR B 90 -2.19 -5.67 -24.47
CA TYR B 90 -1.65 -6.83 -23.83
C TYR B 90 -1.95 -8.08 -24.64
N THR B 91 -1.23 -9.15 -24.35
CA THR B 91 -1.51 -10.46 -24.89
C THR B 91 -1.90 -11.42 -23.77
N LEU B 92 -2.97 -12.17 -23.98
CA LEU B 92 -3.51 -13.09 -22.99
C LEU B 92 -3.24 -14.53 -23.40
N LYS B 93 -2.79 -15.31 -22.46
CA LYS B 93 -2.69 -16.77 -22.57
C LYS B 93 -3.75 -17.33 -21.63
N HIS B 94 -4.78 -17.99 -22.17
CA HIS B 94 -5.75 -18.69 -21.35
C HIS B 94 -5.13 -19.92 -20.67
N VAL B 95 -5.45 -20.11 -19.43
CA VAL B 95 -5.00 -21.25 -18.65
C VAL B 95 -5.96 -22.41 -18.89
N GLU B 96 -5.40 -23.59 -19.01
CA GLU B 96 -6.19 -24.78 -19.31
C GLU B 96 -7.09 -25.12 -18.14
N ASN B 97 -8.32 -25.46 -18.45
CA ASN B 97 -9.30 -25.89 -17.46
C ASN B 97 -9.41 -24.89 -16.32
N SER B 98 -9.75 -23.67 -16.71
CA SER B 98 -10.00 -22.61 -15.75
C SER B 98 -10.71 -21.48 -16.46
N HIS B 99 -11.11 -20.50 -15.67
CA HIS B 99 -11.56 -19.22 -16.18
C HIS B 99 -10.46 -18.16 -16.05
N ASP B 100 -9.21 -18.57 -16.17
CA ASP B 100 -8.08 -17.70 -15.86
C ASP B 100 -7.27 -17.31 -17.09
N PHE B 101 -6.68 -16.12 -17.03
CA PHE B 101 -5.71 -15.69 -18.02
C PHE B 101 -4.42 -15.19 -17.38
N ARG B 102 -3.30 -15.51 -18.01
CA ARG B 102 -2.05 -14.79 -17.79
C ARG B 102 -2.00 -13.62 -18.75
N ILE B 103 -1.43 -12.50 -18.28
CA ILE B 103 -1.40 -11.22 -19.00
C ILE B 103 0.04 -10.73 -19.19
N TYR B 104 0.45 -10.55 -20.44
CA TYR B 104 1.77 -10.12 -20.83
C TYR B 104 1.70 -8.82 -21.60
N ASP B 105 2.75 -8.02 -21.43
CA ASP B 105 3.04 -6.85 -22.22
C ASP B 105 4.56 -6.75 -22.29
N GLN B 106 5.07 -6.37 -23.46
CA GLN B 106 6.49 -6.10 -23.67
C GLN B 106 7.34 -7.29 -23.27
N GLU B 107 6.84 -8.48 -23.58
CA GLU B 107 7.52 -9.73 -23.27
C GLU B 107 7.71 -9.92 -21.77
N ARG B 108 6.81 -9.37 -20.97
CA ARG B 108 6.82 -9.52 -19.51
C ARG B 108 5.52 -10.12 -18.99
N PHE B 109 5.60 -10.92 -17.94
CA PHE B 109 4.41 -11.41 -17.27
C PHE B 109 4.00 -10.37 -16.24
N LEU B 110 2.83 -9.82 -16.42
CA LEU B 110 2.37 -8.72 -15.59
C LEU B 110 1.37 -9.17 -14.53
N MET B 111 0.40 -9.99 -14.92
CA MET B 111 -0.79 -10.20 -14.11
C MET B 111 -1.38 -11.59 -14.37
N TYR B 112 -2.09 -12.10 -13.37
CA TYR B 112 -2.87 -13.33 -13.49
C TYR B 112 -4.30 -12.98 -13.14
N ALA B 113 -5.24 -13.25 -14.03
CA ALA B 113 -6.62 -12.87 -13.82
C ALA B 113 -7.48 -14.13 -13.67
N HIS B 114 -8.39 -14.10 -12.70
CA HIS B 114 -9.31 -15.20 -12.50
C HIS B 114 -10.73 -14.65 -12.56
N PHE B 115 -11.55 -15.21 -13.45
CA PHE B 115 -12.99 -14.93 -13.56
C PHE B 115 -13.85 -15.99 -12.83
N GLN B 116 -15.05 -15.56 -12.42
CA GLN B 116 -15.97 -16.48 -11.76
C GLN B 116 -16.67 -17.41 -12.74
N ASP B 117 -16.92 -16.96 -13.98
CA ASP B 117 -17.84 -17.63 -14.89
C ASP B 117 -17.21 -17.98 -16.23
N PRO B 118 -17.88 -18.77 -17.07
CA PRO B 118 -17.29 -19.12 -18.37
C PRO B 118 -17.46 -18.07 -19.43
N LYS B 119 -18.49 -17.23 -19.34
CA LYS B 119 -18.57 -16.10 -20.30
C LYS B 119 -17.60 -14.92 -19.93
N TYR B 120 -16.72 -15.11 -18.96
CA TYR B 120 -15.77 -14.08 -18.50
C TYR B 120 -16.41 -12.71 -18.29
N ARG B 121 -17.58 -12.68 -17.69
CA ARG B 121 -18.23 -11.40 -17.39
C ARG B 121 -18.11 -10.97 -15.92
N ILE B 122 -17.59 -11.81 -15.05
CA ILE B 122 -17.42 -11.50 -13.62
C ILE B 122 -15.94 -11.67 -13.32
N LEU B 123 -15.19 -10.59 -13.37
CA LEU B 123 -13.83 -10.62 -12.84
C LEU B 123 -13.88 -10.78 -11.33
N ASP B 124 -13.09 -11.74 -10.84
CA ASP B 124 -13.00 -12.15 -9.45
C ASP B 124 -11.77 -11.55 -8.75
N TYR B 125 -10.55 -11.95 -9.16
CA TYR B 125 -9.34 -11.31 -8.66
C TYR B 125 -8.29 -11.21 -9.75
N VAL B 126 -7.28 -10.37 -9.49
CA VAL B 126 -6.12 -10.21 -10.35
C VAL B 126 -4.87 -10.12 -9.50
N ASN B 127 -3.88 -10.93 -9.82
CA ASN B 127 -2.60 -10.92 -9.13
C ASN B 127 -1.58 -10.16 -9.94
N HIS B 128 -0.78 -9.35 -9.26
CA HIS B 128 0.26 -8.54 -9.86
C HIS B 128 1.64 -9.02 -9.42
N PHE B 129 2.58 -8.99 -10.36
CA PHE B 129 3.92 -9.51 -10.12
C PHE B 129 5.01 -8.52 -10.50
N ASP B 130 6.10 -8.56 -9.75
CA ASP B 130 7.24 -7.71 -10.03
C ASP B 130 8.21 -8.34 -11.03
N SER B 131 9.31 -7.63 -11.27
CA SER B 131 10.31 -8.06 -12.22
C SER B 131 10.90 -9.44 -11.92
N GLN B 132 10.69 -9.97 -10.72
CA GLN B 132 11.23 -11.28 -10.38
C GLN B 132 10.12 -12.30 -10.18
N ARG B 133 8.89 -11.96 -10.55
CA ARG B 133 7.73 -12.83 -10.39
C ARG B 133 7.33 -13.05 -8.93
N ARG B 134 7.61 -12.10 -8.05
CA ARG B 134 6.96 -12.09 -6.75
C ARG B 134 5.58 -11.48 -6.88
N LYS B 135 4.61 -12.11 -6.22
CA LYS B 135 3.23 -11.66 -6.15
C LYS B 135 3.15 -10.55 -5.12
N VAL B 136 3.21 -9.30 -5.59
CA VAL B 136 3.28 -8.20 -4.65
C VAL B 136 1.90 -7.69 -4.22
N LYS B 137 0.85 -7.97 -4.97
CA LYS B 137 -0.44 -7.35 -4.72
C LYS B 137 -1.54 -8.19 -5.35
N ARG B 138 -2.69 -8.24 -4.66
CA ARG B 138 -3.89 -8.91 -5.15
C ARG B 138 -5.08 -7.94 -5.13
N ASP B 139 -5.77 -7.85 -6.27
CA ASP B 139 -6.93 -6.98 -6.47
C ASP B 139 -8.18 -7.86 -6.43
N PHE B 140 -9.13 -7.53 -5.56
CA PHE B 140 -10.30 -8.36 -5.33
C PHE B 140 -11.55 -7.59 -5.75
N TYR B 141 -12.28 -8.13 -6.72
CA TYR B 141 -13.42 -7.45 -7.33
C TYR B 141 -14.70 -7.94 -6.68
N ASP B 142 -15.55 -7.00 -6.30
CA ASP B 142 -16.90 -7.27 -5.89
C ASP B 142 -17.71 -7.76 -7.10
N VAL B 143 -18.68 -8.63 -6.83
CA VAL B 143 -19.42 -9.24 -7.92
C VAL B 143 -20.24 -8.20 -8.61
N ARG B 144 -20.49 -7.08 -7.95
CA ARG B 144 -21.20 -5.98 -8.59
C ARG B 144 -20.35 -5.21 -9.58
N GLY B 145 -19.02 -5.44 -9.59
CA GLY B 145 -18.14 -4.88 -10.60
C GLY B 145 -16.93 -4.10 -10.14
N PHE B 146 -17.07 -3.36 -9.04
CA PHE B 146 -15.97 -2.49 -8.63
C PHE B 146 -14.88 -3.29 -7.95
N LEU B 147 -13.69 -2.72 -7.95
CA LEU B 147 -12.56 -3.28 -7.20
C LEU B 147 -12.78 -2.97 -5.73
N SER B 148 -12.77 -4.00 -4.90
CA SER B 148 -13.20 -3.83 -3.53
C SER B 148 -12.02 -3.75 -2.57
N CYS B 149 -10.97 -4.53 -2.81
CA CYS B 149 -9.85 -4.59 -1.90
C CYS B 149 -8.57 -4.93 -2.65
N SER B 150 -7.48 -4.27 -2.26
CA SER B 150 -6.13 -4.60 -2.68
C SER B 150 -5.39 -5.09 -1.45
N ARG B 151 -4.84 -6.29 -1.51
CA ARG B 151 -3.99 -6.82 -0.45
C ARG B 151 -2.52 -6.80 -0.87
N ILE B 152 -1.69 -6.22 -0.03
CA ILE B 152 -0.24 -6.18 -0.21
C ILE B 152 0.36 -7.38 0.47
N LEU B 153 1.28 -8.05 -0.21
CA LEU B 153 1.89 -9.32 0.22
C LEU B 153 3.36 -9.08 0.57
N VAL B 154 3.85 -9.88 1.52
CA VAL B 154 5.27 -9.85 1.99
C VAL B 154 5.78 -11.30 1.97
N ASP B 155 7.08 -11.54 1.79
CA ASP B 155 7.67 -12.91 1.88
C ASP B 155 6.78 -13.94 1.16
N LYS B 156 6.37 -15.03 1.82
CA LYS B 156 5.63 -16.17 1.17
C LYS B 156 4.14 -15.85 1.04
N GLN B 157 3.77 -14.95 0.12
CA GLN B 157 2.35 -14.51 -0.10
C GLN B 157 1.64 -14.32 1.24
N GLN B 158 2.31 -13.76 2.24
CA GLN B 158 1.70 -13.44 3.52
C GLN B 158 1.03 -12.07 3.45
N THR B 159 -0.08 -11.95 4.16
CA THR B 159 -0.88 -10.74 4.12
C THR B 159 -0.30 -9.71 5.03
N LEU B 160 0.16 -8.61 4.45
CA LEU B 160 0.67 -7.53 5.25
C LEU B 160 -0.38 -6.47 5.53
N CYS B 161 -1.04 -5.96 4.47
CA CYS B 161 -2.07 -4.96 4.69
C CYS B 161 -3.04 -4.95 3.53
N GLU B 162 -4.24 -4.46 3.84
CA GLU B 162 -5.34 -4.42 2.88
C GLU B 162 -5.93 -3.02 2.79
N PHE B 163 -6.25 -2.61 1.56
CA PHE B 163 -6.91 -1.34 1.27
C PHE B 163 -8.27 -1.59 0.67
N PHE B 164 -9.27 -0.82 1.11
CA PHE B 164 -10.67 -1.04 0.77
C PHE B 164 -11.22 0.23 0.16
N TYR B 165 -11.81 0.12 -1.04
CA TYR B 165 -12.22 1.26 -1.84
C TYR B 165 -13.74 1.38 -1.88
N ASN B 166 -14.22 2.59 -2.07
CA ASN B 166 -15.57 2.82 -2.59
C ASN B 166 -15.54 2.51 -4.09
N PRO B 167 -16.70 2.49 -4.75
CA PRO B 167 -16.75 2.09 -6.16
C PRO B 167 -16.03 3.03 -7.08
N GLU B 168 -15.63 4.21 -6.59
CA GLU B 168 -14.89 5.20 -7.39
C GLU B 168 -13.38 5.07 -7.22
N GLY B 169 -12.91 4.24 -6.32
CA GLY B 169 -11.49 4.06 -6.16
C GLY B 169 -10.86 4.86 -5.02
N ASP B 170 -11.65 5.64 -4.30
CA ASP B 170 -11.15 6.25 -3.07
C ASP B 170 -10.95 5.20 -1.97
N THR B 171 -9.86 5.34 -1.25
CA THR B 171 -9.57 4.43 -0.16
C THR B 171 -10.45 4.78 1.02
N LYS B 172 -11.14 3.77 1.60
CA LYS B 172 -11.99 4.02 2.76
C LYS B 172 -11.60 3.25 4.01
N LEU B 173 -10.87 2.16 3.88
CA LEU B 173 -10.36 1.51 5.08
C LEU B 173 -8.96 0.98 4.80
N GLU B 174 -8.17 0.89 5.85
CA GLU B 174 -6.86 0.27 5.80
C GLU B 174 -6.78 -0.68 6.99
N LYS B 175 -6.26 -1.89 6.75
CA LYS B 175 -6.03 -2.91 7.77
C LYS B 175 -4.57 -3.35 7.71
N TYR B 176 -3.92 -3.38 8.85
CA TYR B 176 -2.54 -3.84 8.96
C TYR B 176 -2.54 -5.10 9.79
N PHE B 177 -1.73 -6.08 9.39
CA PHE B 177 -1.74 -7.42 9.93
C PHE B 177 -0.37 -7.82 10.43
N SER B 178 -0.35 -8.73 11.42
CA SER B 178 0.83 -9.46 11.83
C SER B 178 0.52 -10.95 12.00
N TYR B 179 1.49 -11.79 11.73
CA TYR B 179 1.25 -13.21 11.88
C TYR B 179 1.50 -13.70 13.31
N LYS B 180 0.58 -14.49 13.81
CA LYS B 180 0.66 -15.09 15.13
C LYS B 180 0.25 -16.55 14.98
N ASP B 181 1.20 -17.45 15.21
CA ASP B 181 0.99 -18.89 15.05
C ASP B 181 0.47 -19.20 13.64
N GLY B 182 1.12 -18.61 12.64
CA GLY B 182 0.89 -18.92 11.24
C GLY B 182 -0.36 -18.35 10.60
N LYS B 183 -1.17 -17.61 11.33
CA LYS B 183 -2.35 -16.98 10.79
C LYS B 183 -2.22 -15.47 10.90
N PRO B 184 -2.75 -14.71 9.94
CA PRO B 184 -2.66 -13.24 10.01
C PRO B 184 -3.75 -12.70 10.92
N GLU B 185 -3.33 -11.76 11.76
CA GLU B 185 -4.29 -11.14 12.69
C GLU B 185 -4.20 -9.63 12.59
N VAL B 186 -5.36 -8.98 12.60
CA VAL B 186 -5.45 -7.53 12.53
C VAL B 186 -4.79 -6.88 13.75
N GLN B 187 -4.00 -5.85 13.50
CA GLN B 187 -3.32 -5.09 14.51
C GLN B 187 -3.71 -3.64 14.51
N LYS B 188 -4.32 -3.14 13.43
CA LYS B 188 -4.67 -1.74 13.23
C LYS B 188 -5.69 -1.58 12.08
N ILE B 189 -6.68 -0.74 12.29
CA ILE B 189 -7.64 -0.42 11.25
C ILE B 189 -7.73 1.08 11.18
N ILE B 190 -7.76 1.63 9.97
CA ILE B 190 -7.96 3.04 9.72
C ILE B 190 -9.19 3.15 8.84
N VAL B 191 -10.12 4.01 9.22
CA VAL B 191 -11.35 4.22 8.48
C VAL B 191 -11.49 5.70 8.19
N TYR B 192 -11.82 6.04 6.97
CA TYR B 192 -12.05 7.43 6.59
C TYR B 192 -13.54 7.60 6.42
N TYR B 193 -14.18 8.30 7.35
CA TYR B 193 -15.62 8.41 7.39
C TYR B 193 -15.99 9.78 7.93
N ALA B 194 -17.06 10.34 7.38
CA ALA B 194 -17.57 11.62 7.82
C ALA B 194 -16.47 12.68 7.90
N ASN B 195 -15.66 12.74 6.86
CA ASN B 195 -14.56 13.68 6.76
C ASN B 195 -13.53 13.56 7.87
N LYS B 196 -13.57 12.49 8.65
CA LYS B 196 -12.64 12.29 9.73
C LYS B 196 -11.86 11.00 9.46
N GLN B 197 -10.82 10.80 10.21
CA GLN B 197 -10.04 9.58 10.19
C GLN B 197 -10.16 8.94 11.57
N TYR B 198 -10.54 7.66 11.59
CA TYR B 198 -10.73 6.91 12.82
C TYR B 198 -9.78 5.72 12.89
N PHE B 199 -9.35 5.41 14.12
CA PHE B 199 -8.36 4.39 14.44
C PHE B 199 -8.93 3.33 15.37
N PHE B 200 -8.65 2.06 15.06
CA PHE B 200 -9.15 0.91 15.81
C PHE B 200 -8.03 -0.09 15.89
N ASN B 201 -8.05 -0.91 16.93
CA ASN B 201 -7.07 -1.97 17.08
C ASN B 201 -7.48 -3.33 16.48
N ASN B 202 -8.76 -3.51 16.13
CA ASN B 202 -9.25 -4.82 15.72
C ASN B 202 -10.68 -4.69 15.24
N GLU B 203 -11.19 -5.77 14.66
CA GLU B 203 -12.53 -5.73 14.07
C GLU B 203 -13.66 -5.67 15.09
N THR B 204 -13.41 -6.06 16.32
CA THR B 204 -14.44 -5.87 17.32
C THR B 204 -14.71 -4.39 17.58
N GLU B 205 -13.64 -3.59 17.66
CA GLU B 205 -13.81 -2.16 17.94
C GLU B 205 -14.45 -1.46 16.75
N LEU B 206 -14.05 -1.82 15.53
CA LEU B 206 -14.75 -1.31 14.35
C LEU B 206 -16.22 -1.72 14.34
N GLY B 207 -16.50 -3.00 14.63
CA GLY B 207 -17.89 -3.39 14.85
C GLY B 207 -18.67 -2.48 15.77
N ALA B 208 -18.15 -2.28 16.98
CA ALA B 208 -18.87 -1.46 17.96
C ALA B 208 -19.14 -0.07 17.41
N PHE B 209 -18.16 0.48 16.69
CA PHE B 209 -18.33 1.81 16.10
C PHE B 209 -19.44 1.81 15.06
N PHE B 210 -19.48 0.78 14.19
CA PHE B 210 -20.57 0.57 13.24
C PHE B 210 -21.93 0.51 13.94
N ILE B 211 -22.06 -0.34 14.97
CA ILE B 211 -23.36 -0.44 15.65
C ILE B 211 -23.83 0.94 16.09
N LYS B 212 -22.92 1.76 16.62
CA LYS B 212 -23.31 3.06 17.15
C LYS B 212 -23.65 4.06 16.06
N GLN B 213 -23.23 3.86 14.82
CA GLN B 213 -23.69 4.71 13.73
C GLN B 213 -25.07 4.33 13.24
N LEU B 214 -25.39 3.04 13.31
CA LEU B 214 -26.69 2.52 12.92
C LEU B 214 -27.82 2.89 13.89
N TYR B 215 -27.50 3.04 15.17
CA TYR B 215 -28.54 3.02 16.18
C TYR B 215 -29.25 4.37 16.22
N GLN B 216 -30.58 4.31 16.20
CA GLN B 216 -31.48 5.41 16.50
C GLN B 216 -32.35 4.99 17.68
N HIS B 217 -32.62 5.92 18.61
CA HIS B 217 -33.50 5.68 19.75
C HIS B 217 -34.69 4.87 19.28
N GLY B 218 -34.90 3.71 19.89
CA GLY B 218 -36.02 2.84 19.56
C GLY B 218 -35.68 1.56 18.80
N ASP B 219 -34.53 1.52 18.14
CA ASP B 219 -34.10 0.31 17.45
C ASP B 219 -33.77 -0.85 18.44
N LEU B 220 -33.78 -2.06 17.89
CA LEU B 220 -33.56 -3.28 18.69
C LEU B 220 -32.60 -4.19 17.95
N PHE B 221 -31.57 -4.66 18.65
CA PHE B 221 -30.55 -5.55 18.10
C PHE B 221 -30.73 -6.99 18.60
N PHE B 222 -30.58 -7.93 17.67
CA PHE B 222 -30.46 -9.35 17.95
C PHE B 222 -29.05 -9.83 17.60
N SER B 223 -28.43 -10.46 18.53
CA SER B 223 -27.04 -10.91 18.47
C SER B 223 -27.09 -12.36 18.10
N ASP B 224 -26.85 -12.66 16.82
CA ASP B 224 -27.03 -14.02 16.29
C ASP B 224 -25.74 -14.82 16.02
N ARG B 225 -24.58 -14.23 15.80
CA ARG B 225 -23.33 -15.01 15.74
C ARG B 225 -22.46 -14.57 16.91
N ASN B 226 -22.70 -15.17 18.07
CA ASN B 226 -22.26 -14.56 19.33
C ASN B 226 -20.75 -14.55 19.50
N VAL B 227 -20.02 -15.45 18.85
CA VAL B 227 -18.56 -15.42 19.00
C VAL B 227 -17.94 -14.14 18.46
N TYR B 228 -18.65 -13.45 17.55
CA TYR B 228 -18.29 -12.11 17.07
C TYR B 228 -19.19 -11.00 17.58
N THR B 229 -20.48 -11.27 17.68
CA THR B 229 -21.41 -10.20 18.00
C THR B 229 -21.41 -9.81 19.47
N ALA B 230 -21.23 -10.76 20.38
CA ALA B 230 -21.22 -10.38 21.79
C ALA B 230 -20.00 -9.55 22.13
N PRO B 231 -18.78 -9.87 21.72
CA PRO B 231 -17.67 -8.96 22.01
C PRO B 231 -17.92 -7.56 21.50
N ILE B 232 -18.62 -7.45 20.39
CA ILE B 232 -18.94 -6.13 19.86
C ILE B 232 -19.93 -5.39 20.78
N PHE B 233 -21.05 -6.05 21.13
CA PHE B 233 -22.05 -5.42 21.99
C PHE B 233 -21.51 -5.16 23.38
N ASN B 234 -20.53 -5.95 23.83
CA ASN B 234 -19.88 -5.64 25.10
C ASN B 234 -19.14 -4.31 25.10
N LEU B 235 -18.87 -3.72 23.93
CA LEU B 235 -18.21 -2.42 23.84
C LEU B 235 -19.19 -1.31 23.47
N THR B 236 -20.46 -1.60 23.43
CA THR B 236 -21.41 -0.52 23.15
C THR B 236 -22.20 -0.17 24.39
N PRO B 237 -22.59 1.08 24.56
CA PRO B 237 -23.35 1.47 25.76
C PRO B 237 -24.63 0.69 25.97
N GLU B 238 -24.91 0.39 27.25
CA GLU B 238 -26.07 -0.39 27.70
C GLU B 238 -27.39 0.21 27.26
N SER B 239 -27.41 1.45 26.83
CA SER B 239 -28.64 2.07 26.35
C SER B 239 -29.06 1.59 24.98
N ILE B 240 -28.23 0.84 24.29
CA ILE B 240 -28.60 0.17 23.06
C ILE B 240 -29.12 -1.24 23.44
N PRO B 241 -30.39 -1.52 23.26
CA PRO B 241 -30.90 -2.84 23.68
C PRO B 241 -30.48 -3.93 22.71
N VAL B 242 -30.15 -5.07 23.27
CA VAL B 242 -29.74 -6.21 22.46
C VAL B 242 -30.17 -7.49 23.15
N VAL B 243 -30.52 -8.46 22.31
CA VAL B 243 -31.00 -9.77 22.72
C VAL B 243 -30.03 -10.80 22.19
N ALA B 244 -29.66 -11.77 23.04
CA ALA B 244 -28.77 -12.84 22.61
C ALA B 244 -29.59 -14.04 22.17
N VAL B 245 -29.27 -14.55 20.99
CA VAL B 245 -29.94 -15.71 20.40
C VAL B 245 -28.92 -16.84 20.32
N LEU B 246 -29.16 -17.90 21.05
CA LEU B 246 -28.37 -19.11 20.97
C LEU B 246 -28.91 -20.01 19.89
N HIS B 247 -28.00 -20.58 19.11
CA HIS B 247 -28.38 -21.44 18.01
C HIS B 247 -27.94 -22.87 18.20
N SER B 248 -27.13 -23.15 19.22
CA SER B 248 -26.64 -24.49 19.45
C SER B 248 -26.70 -24.81 20.95
N THR B 249 -26.41 -26.06 21.32
CA THR B 249 -26.18 -26.32 22.75
C THR B 249 -25.14 -25.33 23.27
N HIS B 250 -25.28 -24.97 24.54
CA HIS B 250 -24.57 -23.86 25.13
C HIS B 250 -23.33 -24.25 25.93
N ILE B 251 -23.20 -25.50 26.36
CA ILE B 251 -22.07 -25.97 27.13
C ILE B 251 -21.34 -27.05 26.36
N LYS B 252 -20.08 -27.26 26.76
CA LYS B 252 -19.19 -28.12 25.98
C LYS B 252 -19.60 -29.57 26.11
N ASN B 253 -19.75 -30.06 27.34
CA ASN B 253 -20.30 -31.38 27.58
C ASN B 253 -21.72 -31.19 28.05
N ILE B 254 -22.67 -31.48 27.16
CA ILE B 254 -24.08 -31.31 27.42
C ILE B 254 -24.58 -32.22 28.54
N ASP B 255 -23.77 -33.19 28.94
CA ASP B 255 -24.17 -34.10 30.00
C ASP B 255 -23.88 -33.55 31.37
N ALA B 256 -23.04 -32.53 31.48
CA ALA B 256 -22.77 -31.83 32.72
C ALA B 256 -23.46 -30.46 32.71
N LEU B 257 -24.77 -30.47 32.85
CA LEU B 257 -25.52 -29.23 32.77
C LEU B 257 -24.98 -28.20 33.74
N ASP B 258 -24.66 -28.65 34.97
CA ASP B 258 -24.29 -27.71 36.02
C ASP B 258 -22.83 -27.26 35.96
N SER B 259 -21.92 -28.10 35.49
CA SER B 259 -20.49 -27.88 35.69
C SER B 259 -19.71 -27.69 34.41
N SER B 260 -20.18 -28.24 33.31
CA SER B 260 -19.47 -28.09 32.05
C SER B 260 -19.28 -26.61 31.73
N PRO B 261 -18.14 -26.23 31.19
CA PRO B 261 -17.96 -24.83 30.79
C PRO B 261 -18.79 -24.48 29.57
N PHE B 262 -19.03 -23.19 29.41
CA PHE B 262 -19.71 -22.69 28.23
C PHE B 262 -18.83 -22.85 26.98
N LYS B 263 -19.49 -23.13 25.87
CA LYS B 263 -18.79 -23.23 24.60
C LYS B 263 -18.01 -21.95 24.37
N ASN B 264 -16.91 -22.06 23.63
CA ASN B 264 -16.06 -20.89 23.41
C ASN B 264 -16.81 -19.80 22.67
N VAL B 265 -17.76 -20.21 21.83
CA VAL B 265 -18.50 -19.27 21.02
C VAL B 265 -19.53 -18.49 21.83
N TYR B 266 -19.91 -18.94 23.03
CA TYR B 266 -20.88 -18.23 23.85
C TYR B 266 -20.28 -17.64 25.13
N LYS B 267 -18.97 -17.73 25.33
CA LYS B 267 -18.34 -17.30 26.57
C LYS B 267 -18.49 -15.81 26.82
N ALA B 268 -18.18 -14.98 25.81
CA ALA B 268 -18.24 -13.54 26.04
C ALA B 268 -19.66 -13.07 26.30
N MET B 269 -20.63 -13.80 25.77
CA MET B 269 -22.02 -13.52 26.03
C MET B 269 -22.35 -13.84 27.50
N PHE B 270 -22.02 -15.07 27.95
CA PHE B 270 -22.41 -15.50 29.30
C PHE B 270 -21.62 -14.76 30.39
N GLU B 271 -20.45 -14.28 30.05
CA GLU B 271 -19.62 -13.58 31.02
C GLU B 271 -20.01 -12.14 31.20
N ASN B 272 -21.00 -11.65 30.46
CA ASN B 272 -21.52 -10.30 30.53
C ASN B 272 -23.03 -10.30 30.35
N LEU B 273 -23.70 -11.24 30.99
CA LEU B 273 -25.12 -11.45 30.74
C LEU B 273 -25.95 -10.20 30.92
N SER B 274 -25.63 -9.37 31.90
CA SER B 274 -26.53 -8.27 32.23
C SER B 274 -26.61 -7.21 31.15
N ARG B 275 -25.73 -7.29 30.16
CA ARG B 275 -25.78 -6.43 28.98
C ARG B 275 -27.00 -6.69 28.12
N TYR B 276 -27.57 -7.90 28.20
CA TYR B 276 -28.57 -8.40 27.26
C TYR B 276 -29.95 -8.35 27.90
N ARG B 277 -30.95 -7.96 27.10
CA ARG B 277 -32.34 -7.92 27.56
C ARG B 277 -32.89 -9.32 27.80
N ALA B 278 -32.40 -10.31 27.07
CA ALA B 278 -32.94 -11.66 27.17
C ALA B 278 -32.05 -12.59 26.38
N ILE B 279 -32.24 -13.87 26.62
CA ILE B 279 -31.74 -14.93 25.74
C ILE B 279 -32.92 -15.61 25.09
N ILE B 280 -32.86 -15.78 23.76
CA ILE B 280 -33.78 -16.58 22.97
C ILE B 280 -33.10 -17.87 22.54
N VAL B 281 -33.70 -19.02 22.86
CA VAL B 281 -33.23 -20.34 22.41
C VAL B 281 -34.39 -21.00 21.70
N SER B 282 -34.13 -22.12 21.02
CA SER B 282 -35.19 -22.63 20.15
C SER B 282 -36.18 -23.51 20.89
N THR B 283 -35.71 -24.29 21.85
CA THR B 283 -36.50 -25.37 22.41
C THR B 283 -36.85 -25.12 23.87
N GLU B 284 -37.97 -25.71 24.26
CA GLU B 284 -38.38 -25.70 25.66
C GLU B 284 -37.26 -26.19 26.56
N GLN B 285 -36.66 -27.34 26.26
CA GLN B 285 -35.73 -27.90 27.25
C GLN B 285 -34.49 -27.05 27.38
N GLN B 286 -34.06 -26.42 26.30
CA GLN B 286 -32.89 -25.54 26.45
C GLN B 286 -33.24 -24.30 27.26
N LYS B 287 -34.48 -23.81 27.15
CA LYS B 287 -34.93 -22.75 28.03
C LYS B 287 -34.75 -23.13 29.50
N LEU B 288 -35.27 -24.27 29.90
CA LEU B 288 -35.14 -24.70 31.28
C LEU B 288 -33.69 -24.91 31.69
N ASP B 289 -32.85 -25.47 30.81
CA ASP B 289 -31.44 -25.71 31.20
C ASP B 289 -30.65 -24.39 31.32
N VAL B 290 -30.84 -23.47 30.39
CA VAL B 290 -30.09 -22.23 30.46
C VAL B 290 -30.57 -21.37 31.61
N GLU B 291 -31.88 -21.25 31.84
CA GLU B 291 -32.33 -20.45 32.98
C GLU B 291 -31.78 -20.96 34.33
N LYS B 292 -31.81 -22.27 34.56
CA LYS B 292 -31.23 -22.78 35.81
C LYS B 292 -29.74 -22.42 35.89
N ARG B 293 -29.03 -22.56 34.77
CA ARG B 293 -27.58 -22.44 34.79
C ARG B 293 -27.14 -21.01 35.00
N ILE B 294 -27.89 -20.03 34.52
CA ILE B 294 -27.54 -18.63 34.76
C ILE B 294 -28.24 -18.04 35.99
N ASN B 295 -28.90 -18.89 36.78
CA ASN B 295 -29.61 -18.48 38.00
C ASN B 295 -30.58 -17.32 37.75
N HIS B 296 -31.25 -17.39 36.61
CA HIS B 296 -32.32 -16.47 36.26
C HIS B 296 -31.86 -15.02 36.23
N THR B 297 -30.59 -14.76 35.91
CA THR B 297 -30.14 -13.37 35.90
C THR B 297 -30.92 -12.49 34.91
N ILE B 298 -31.23 -13.03 33.73
CA ILE B 298 -32.07 -12.32 32.75
C ILE B 298 -33.09 -13.31 32.20
N PRO B 299 -34.11 -12.82 31.49
CA PRO B 299 -35.15 -13.72 30.99
C PRO B 299 -34.63 -14.67 29.92
N VAL B 300 -35.20 -15.85 29.89
CA VAL B 300 -34.93 -16.82 28.85
C VAL B 300 -36.25 -17.30 28.28
N VAL B 301 -36.37 -17.30 26.95
CA VAL B 301 -37.63 -17.64 26.27
C VAL B 301 -37.27 -18.52 25.09
N ASN B 302 -38.21 -19.39 24.72
CA ASN B 302 -38.01 -20.27 23.57
C ASN B 302 -38.92 -19.87 22.42
N ILE B 303 -38.29 -19.59 21.28
CA ILE B 303 -38.97 -19.29 20.02
C ILE B 303 -38.25 -20.14 19.00
N PRO B 304 -38.94 -21.06 18.30
CA PRO B 304 -38.27 -21.92 17.31
C PRO B 304 -37.67 -21.13 16.16
N VAL B 305 -36.49 -21.57 15.71
CA VAL B 305 -35.86 -20.89 14.59
C VAL B 305 -36.51 -21.24 13.27
N GLY B 306 -37.39 -22.23 13.25
CA GLY B 306 -37.99 -22.68 12.02
C GLY B 306 -39.49 -22.77 12.11
N TYR B 307 -40.13 -22.72 10.94
CA TYR B 307 -41.58 -22.75 10.85
C TYR B 307 -42.00 -23.51 9.61
N SER B 308 -43.26 -23.89 9.55
CA SER B 308 -43.83 -24.54 8.38
C SER B 308 -44.86 -23.66 7.73
N GLU B 309 -44.84 -23.63 6.41
CA GLU B 309 -45.89 -23.09 5.57
C GLU B 309 -46.63 -24.28 4.93
N THR B 310 -47.65 -23.98 4.13
CA THR B 310 -48.26 -25.04 3.33
C THR B 310 -47.49 -25.14 2.04
N ILE B 311 -47.39 -26.35 1.54
CA ILE B 311 -46.48 -26.70 0.47
C ILE B 311 -47.24 -26.70 -0.85
N ASP B 312 -46.67 -26.06 -1.86
CA ASP B 312 -47.26 -26.09 -3.19
C ASP B 312 -46.46 -26.94 -4.16
N THR B 313 -45.66 -27.89 -3.67
CA THR B 313 -45.04 -28.94 -4.45
C THR B 313 -45.64 -30.31 -4.07
N PRO B 314 -45.44 -31.33 -4.91
CA PRO B 314 -46.03 -32.64 -4.59
C PRO B 314 -45.46 -33.17 -3.28
N VAL B 315 -46.28 -33.94 -2.58
CA VAL B 315 -45.95 -34.46 -1.25
C VAL B 315 -46.24 -35.96 -1.25
N GLN B 316 -45.20 -36.74 -0.98
CA GLN B 316 -45.27 -38.21 -0.87
C GLN B 316 -45.79 -38.88 -2.14
N THR B 317 -45.23 -38.51 -3.28
CA THR B 317 -45.41 -39.25 -4.52
C THR B 317 -44.25 -40.22 -4.61
N LEU B 318 -44.42 -41.39 -4.01
CA LEU B 318 -43.34 -42.35 -3.93
C LEU B 318 -43.28 -43.32 -5.11
N ASP B 319 -42.05 -43.55 -5.56
CA ASP B 319 -41.71 -44.69 -6.41
C ASP B 319 -41.87 -45.95 -5.59
N GLN B 320 -42.76 -46.82 -6.04
CA GLN B 320 -43.05 -48.02 -5.27
C GLN B 320 -41.96 -49.07 -5.37
N ARG B 321 -41.17 -49.09 -6.44
CA ARG B 321 -40.16 -50.11 -6.63
C ARG B 321 -38.82 -49.79 -5.98
N SER B 322 -38.51 -48.52 -5.71
CA SER B 322 -37.31 -48.14 -4.98
C SER B 322 -37.64 -47.28 -3.75
N VAL B 323 -36.79 -47.37 -2.74
CA VAL B 323 -36.94 -46.63 -1.49
C VAL B 323 -35.87 -45.55 -1.47
N LYS B 324 -36.26 -44.37 -1.11
CA LYS B 324 -35.36 -43.21 -1.11
C LYS B 324 -35.23 -42.69 0.32
N LEU B 325 -34.05 -42.81 0.89
CA LEU B 325 -33.74 -42.25 2.20
C LEU B 325 -32.96 -40.96 2.02
N ILE B 326 -33.14 -39.98 2.93
CA ILE B 326 -32.49 -38.69 2.76
C ILE B 326 -31.82 -38.22 4.05
N SER B 327 -30.77 -37.45 3.88
CA SER B 327 -30.09 -36.80 4.97
C SER B 327 -29.84 -35.37 4.49
N VAL B 328 -30.31 -34.42 5.27
CA VAL B 328 -30.10 -33.01 5.02
C VAL B 328 -29.21 -32.54 6.16
N ALA B 329 -27.92 -32.37 5.88
CA ALA B 329 -26.93 -32.21 6.93
C ALA B 329 -25.61 -31.85 6.33
N ARG B 330 -24.88 -31.00 7.03
CA ARG B 330 -23.55 -30.64 6.60
C ARG B 330 -22.64 -31.87 6.58
N TYR B 331 -21.68 -31.84 5.66
CA TYR B 331 -20.67 -32.88 5.56
C TYR B 331 -19.61 -32.56 6.61
N SER B 332 -20.00 -32.71 7.87
CA SER B 332 -19.11 -32.37 8.97
C SER B 332 -19.26 -33.36 10.11
N PRO B 333 -18.23 -33.47 10.96
CA PRO B 333 -18.13 -34.65 11.81
C PRO B 333 -19.25 -34.81 12.81
N GLU B 334 -19.78 -33.74 13.38
CA GLU B 334 -20.80 -33.98 14.40
C GLU B 334 -22.09 -34.53 13.81
N LYS B 335 -22.27 -34.41 12.48
CA LYS B 335 -23.38 -35.07 11.81
C LYS B 335 -23.19 -36.57 11.69
N GLN B 336 -21.94 -37.06 11.72
CA GLN B 336 -21.64 -38.48 11.75
C GLN B 336 -22.28 -39.19 10.55
N LEU B 337 -22.17 -38.60 9.37
CA LEU B 337 -22.82 -39.16 8.20
C LEU B 337 -22.24 -40.54 7.84
N HIS B 338 -20.97 -40.76 8.15
CA HIS B 338 -20.40 -42.10 7.99
C HIS B 338 -21.31 -43.18 8.59
N GLN B 339 -22.00 -42.90 9.67
CA GLN B 339 -22.86 -43.93 10.24
C GLN B 339 -24.01 -44.27 9.33
N GLN B 340 -24.40 -43.37 8.45
CA GLN B 340 -25.50 -43.65 7.54
C GLN B 340 -25.04 -44.43 6.31
N ILE B 341 -23.80 -44.23 5.87
CA ILE B 341 -23.22 -45.09 4.84
C ILE B 341 -23.06 -46.52 5.35
N GLU B 342 -22.62 -46.67 6.60
CA GLU B 342 -22.60 -47.98 7.24
C GLU B 342 -24.00 -48.57 7.31
N LEU B 343 -24.99 -47.80 7.74
CA LEU B 343 -26.36 -48.31 7.77
C LEU B 343 -26.77 -48.84 6.40
N ILE B 344 -26.45 -48.09 5.32
CA ILE B 344 -26.83 -48.51 3.98
C ILE B 344 -26.07 -49.77 3.56
N LYS B 345 -24.78 -49.84 3.91
CA LYS B 345 -24.00 -51.02 3.61
C LYS B 345 -24.70 -52.29 4.09
N ARG B 346 -25.35 -52.22 5.26
CA ARG B 346 -26.07 -53.36 5.81
C ARG B 346 -27.41 -53.54 5.12
N LEU B 347 -28.07 -52.43 4.81
CA LEU B 347 -29.44 -52.50 4.33
C LEU B 347 -29.53 -53.04 2.91
N VAL B 348 -28.48 -52.85 2.09
CA VAL B 348 -28.57 -53.31 0.68
C VAL B 348 -28.75 -54.81 0.59
N SER B 349 -28.28 -55.55 1.61
CA SER B 349 -28.51 -57.01 1.69
C SER B 349 -29.99 -57.35 1.74
N TYR B 350 -30.85 -56.43 2.19
CA TYR B 350 -32.27 -56.73 2.32
C TYR B 350 -33.17 -55.92 1.40
N VAL B 351 -32.71 -54.76 0.96
CA VAL B 351 -33.45 -53.88 0.07
C VAL B 351 -32.54 -53.59 -1.12
N PRO B 352 -32.61 -54.38 -2.17
CA PRO B 352 -31.68 -54.15 -3.28
C PRO B 352 -31.87 -52.80 -3.98
N LYS B 353 -33.04 -52.16 -3.82
CA LYS B 353 -33.36 -50.95 -4.57
C LYS B 353 -33.16 -49.68 -3.74
N ILE B 354 -32.44 -49.75 -2.65
CA ILE B 354 -32.46 -48.63 -1.70
C ILE B 354 -31.45 -47.57 -2.13
N GLU B 355 -31.79 -46.29 -1.90
CA GLU B 355 -30.86 -45.19 -2.15
C GLU B 355 -30.86 -44.21 -0.99
N LEU B 356 -29.70 -43.66 -0.66
CA LEU B 356 -29.57 -42.63 0.36
C LEU B 356 -29.01 -41.38 -0.32
N HIS B 357 -29.74 -40.28 -0.22
CA HIS B 357 -29.38 -39.00 -0.83
C HIS B 357 -29.04 -38.02 0.28
N MET B 358 -27.78 -37.57 0.28
CA MET B 358 -27.17 -36.75 1.31
C MET B 358 -26.98 -35.36 0.74
N TYR B 359 -27.79 -34.43 1.22
CA TYR B 359 -27.74 -33.04 0.77
C TYR B 359 -26.98 -32.20 1.79
N GLY B 360 -25.88 -31.60 1.34
CA GLY B 360 -25.09 -30.73 2.19
C GLY B 360 -23.79 -30.29 1.52
N PHE B 361 -22.85 -29.83 2.35
CA PHE B 361 -21.52 -29.42 1.95
C PHE B 361 -20.62 -29.56 3.18
N GLY B 362 -19.32 -29.52 2.97
CA GLY B 362 -18.40 -29.44 4.08
C GLY B 362 -17.14 -30.23 3.82
N SER B 363 -16.47 -30.43 4.92
CA SER B 363 -15.08 -30.91 4.96
C SER B 363 -15.04 -32.42 4.79
N GLU B 364 -15.94 -33.14 5.44
CA GLU B 364 -15.93 -34.61 5.31
C GLU B 364 -16.29 -35.10 3.91
N SER B 365 -16.47 -34.20 2.96
CA SER B 365 -16.89 -34.60 1.60
C SER B 365 -15.95 -35.69 1.05
N LYS B 366 -14.64 -35.46 1.14
CA LYS B 366 -13.65 -36.38 0.60
C LYS B 366 -13.66 -37.72 1.33
N LYS B 367 -13.55 -37.71 2.65
CA LYS B 367 -13.59 -38.96 3.42
C LYS B 367 -14.85 -39.77 3.14
N LEU B 368 -15.98 -39.08 2.96
CA LEU B 368 -17.26 -39.75 2.79
C LEU B 368 -17.38 -40.38 1.41
N ASN B 369 -16.97 -39.65 0.39
CA ASN B 369 -16.85 -40.19 -0.96
C ASN B 369 -15.92 -41.40 -1.00
N GLU B 370 -14.80 -41.34 -0.27
CA GLU B 370 -13.86 -42.46 -0.25
C GLU B 370 -14.45 -43.63 0.53
N LEU B 371 -15.29 -43.35 1.52
CA LEU B 371 -15.98 -44.44 2.22
C LEU B 371 -17.02 -45.10 1.34
N ILE B 372 -17.74 -44.33 0.54
CA ILE B 372 -18.73 -44.91 -0.36
C ILE B 372 -18.03 -45.76 -1.41
N GLN B 373 -16.91 -45.26 -1.93
CA GLN B 373 -16.16 -45.99 -2.95
C GLN B 373 -15.54 -47.27 -2.40
N LYS B 374 -14.94 -47.22 -1.20
CA LYS B 374 -14.44 -48.43 -0.56
C LYS B 374 -15.53 -49.49 -0.30
N TYR B 375 -16.80 -49.15 -0.28
CA TYR B 375 -17.86 -50.13 -0.11
C TYR B 375 -18.61 -50.47 -1.40
N GLY B 376 -18.19 -49.92 -2.53
CA GLY B 376 -18.93 -50.13 -3.77
C GLY B 376 -20.35 -49.63 -3.80
N LEU B 377 -20.69 -48.65 -2.98
CA LEU B 377 -22.04 -48.16 -2.86
C LEU B 377 -22.34 -47.00 -3.82
N GLU B 378 -21.54 -46.79 -4.84
CA GLU B 378 -21.74 -45.60 -5.68
C GLU B 378 -23.11 -45.55 -6.34
N ASN B 379 -23.84 -46.66 -6.40
CA ASN B 379 -25.13 -46.66 -7.05
C ASN B 379 -26.30 -46.56 -6.07
N HIS B 380 -25.98 -46.51 -4.77
CA HIS B 380 -26.94 -46.47 -3.68
C HIS B 380 -26.79 -45.26 -2.75
N VAL B 381 -25.61 -44.63 -2.67
CA VAL B 381 -25.36 -43.48 -1.81
C VAL B 381 -24.79 -42.35 -2.67
N TYR B 382 -25.49 -41.23 -2.66
CA TYR B 382 -25.13 -40.09 -3.45
C TYR B 382 -24.91 -38.92 -2.51
N LEU B 383 -23.73 -38.33 -2.57
CA LEU B 383 -23.54 -36.98 -2.03
C LEU B 383 -24.00 -36.01 -3.10
N ARG B 384 -25.19 -35.44 -2.92
CA ARG B 384 -25.79 -34.60 -3.95
C ARG B 384 -25.30 -33.16 -3.93
N GLY B 385 -24.49 -32.77 -2.97
CA GLY B 385 -24.15 -31.37 -2.81
C GLY B 385 -25.28 -30.58 -2.18
N PHE B 386 -25.11 -29.26 -2.22
CA PHE B 386 -26.09 -28.33 -1.65
C PHE B 386 -27.04 -27.86 -2.74
N LEU B 387 -28.33 -28.07 -2.51
CA LEU B 387 -29.36 -27.49 -3.37
C LEU B 387 -30.05 -26.34 -2.63
N SER B 388 -30.23 -25.23 -3.33
CA SER B 388 -30.82 -24.09 -2.67
C SER B 388 -32.29 -24.32 -2.36
N ASN B 389 -32.96 -25.15 -3.17
CA ASN B 389 -34.37 -25.45 -2.99
C ASN B 389 -34.51 -26.96 -3.01
N LEU B 390 -34.97 -27.52 -1.90
CA LEU B 390 -35.02 -28.97 -1.71
C LEU B 390 -36.42 -29.49 -1.98
N ASP B 391 -37.31 -28.62 -2.43
CA ASP B 391 -38.74 -28.97 -2.41
C ASP B 391 -39.01 -30.26 -3.18
N GLN B 392 -38.46 -30.39 -4.38
CA GLN B 392 -38.76 -31.55 -5.20
C GLN B 392 -38.08 -32.79 -4.69
N GLU B 393 -36.97 -32.63 -3.96
CA GLU B 393 -36.28 -33.79 -3.40
C GLU B 393 -37.07 -34.44 -2.28
N TYR B 394 -37.90 -33.68 -1.55
CA TYR B 394 -38.72 -34.28 -0.50
C TYR B 394 -39.87 -35.10 -1.08
N SER B 395 -40.29 -34.81 -2.31
CA SER B 395 -41.55 -35.31 -2.83
C SER B 395 -41.61 -36.83 -2.76
N ASP B 396 -40.48 -37.50 -3.08
CA ASP B 396 -40.43 -38.96 -3.15
C ASP B 396 -39.60 -39.56 -2.01
N ALA B 397 -39.30 -38.77 -1.00
CA ALA B 397 -38.52 -39.28 0.12
C ALA B 397 -39.39 -40.06 1.09
N TYR B 398 -38.86 -41.21 1.50
CA TYR B 398 -39.51 -42.19 2.36
C TYR B 398 -39.27 -41.93 3.84
N LEU B 399 -38.06 -41.48 4.19
CA LEU B 399 -37.58 -41.32 5.55
C LEU B 399 -36.45 -40.31 5.53
N SER B 400 -36.27 -39.57 6.62
CA SER B 400 -35.08 -38.75 6.85
C SER B 400 -34.32 -39.35 8.00
N LEU B 401 -33.01 -39.22 7.96
CA LEU B 401 -32.17 -39.73 9.02
C LEU B 401 -31.40 -38.61 9.65
N ILE B 402 -31.26 -38.67 10.98
CA ILE B 402 -30.39 -37.76 11.71
C ILE B 402 -29.55 -38.57 12.69
N THR B 403 -28.23 -38.51 12.51
CA THR B 403 -27.26 -39.26 13.31
C THR B 403 -26.31 -38.29 14.03
N SER B 404 -26.77 -37.09 14.25
CA SER B 404 -25.97 -36.06 14.88
C SER B 404 -25.88 -36.28 16.38
N ASN B 405 -24.83 -35.73 16.99
CA ASN B 405 -24.75 -35.75 18.44
C ASN B 405 -25.06 -34.43 19.12
N MET B 406 -25.28 -33.37 18.38
CA MET B 406 -25.75 -32.13 19.01
C MET B 406 -26.53 -31.29 18.02
N GLU B 407 -27.60 -30.69 18.50
CA GLU B 407 -28.45 -29.82 17.71
C GLU B 407 -29.01 -28.67 18.56
N GLY B 408 -29.25 -27.52 17.94
CA GLY B 408 -30.02 -26.47 18.59
C GLY B 408 -31.51 -26.60 18.36
N PHE B 409 -31.87 -27.14 17.22
CA PHE B 409 -33.26 -27.33 16.85
C PHE B 409 -33.35 -28.33 15.71
N SER B 410 -32.58 -28.07 14.63
CA SER B 410 -32.61 -28.79 13.37
C SER B 410 -33.76 -28.29 12.49
N LEU B 411 -33.41 -27.34 11.60
CA LEU B 411 -34.39 -26.85 10.65
C LEU B 411 -34.73 -27.94 9.67
N ALA B 412 -33.75 -28.80 9.37
CA ALA B 412 -33.95 -29.86 8.40
C ALA B 412 -34.99 -30.83 8.91
N LEU B 413 -34.94 -31.17 10.20
CA LEU B 413 -36.00 -32.02 10.78
C LEU B 413 -37.40 -31.40 10.58
N LEU B 414 -37.58 -30.13 10.92
CA LEU B 414 -38.92 -29.56 10.72
C LEU B 414 -39.30 -29.47 9.25
N GLU B 415 -38.34 -29.17 8.37
CA GLU B 415 -38.65 -29.18 6.94
C GLU B 415 -39.10 -30.54 6.44
N SER B 416 -38.42 -31.60 6.88
CA SER B 416 -38.81 -32.95 6.53
C SER B 416 -40.25 -33.23 6.94
N LEU B 417 -40.57 -33.00 8.22
CA LEU B 417 -41.94 -33.25 8.67
C LEU B 417 -42.95 -32.42 7.88
N ALA B 418 -42.62 -31.17 7.60
CA ALA B 418 -43.55 -30.32 6.89
C ALA B 418 -43.81 -30.82 5.47
N HIS B 419 -42.87 -31.56 4.88
CA HIS B 419 -43.07 -32.14 3.56
C HIS B 419 -43.56 -33.59 3.62
N GLY B 420 -43.98 -34.05 4.80
CA GLY B 420 -44.59 -35.36 4.92
C GLY B 420 -43.62 -36.50 5.11
N VAL B 421 -42.37 -36.21 5.41
CA VAL B 421 -41.31 -37.21 5.42
C VAL B 421 -41.03 -37.54 6.91
N PRO B 422 -41.43 -38.72 7.38
CA PRO B 422 -41.12 -39.03 8.79
C PRO B 422 -39.63 -39.01 9.02
N VAL B 423 -39.25 -38.89 10.27
CA VAL B 423 -37.85 -38.76 10.63
C VAL B 423 -37.47 -39.78 11.70
N ILE B 424 -36.30 -40.35 11.56
CA ILE B 424 -35.72 -41.22 12.56
C ILE B 424 -34.43 -40.55 12.99
N SER B 425 -34.26 -40.36 14.30
CA SER B 425 -33.16 -39.55 14.79
C SER B 425 -32.71 -40.05 16.14
N TYR B 426 -31.41 -39.93 16.40
CA TYR B 426 -30.93 -40.12 17.76
C TYR B 426 -31.63 -39.13 18.69
N ASP B 427 -31.91 -39.56 19.92
CA ASP B 427 -32.53 -38.74 20.96
C ASP B 427 -31.45 -37.89 21.60
N ILE B 428 -31.22 -36.73 21.01
CA ILE B 428 -30.16 -35.83 21.42
C ILE B 428 -30.77 -34.48 21.74
N LYS B 429 -30.01 -33.67 22.49
CA LYS B 429 -30.35 -32.29 22.80
C LYS B 429 -29.76 -31.36 21.76
N TYR B 430 -30.56 -30.43 21.24
CA TYR B 430 -31.96 -30.13 21.57
C TYR B 430 -32.63 -30.18 20.19
N GLY B 431 -33.90 -30.48 20.20
CA GLY B 431 -34.63 -30.50 18.94
C GLY B 431 -35.46 -31.75 18.73
N PRO B 432 -34.72 -32.82 18.50
CA PRO B 432 -35.40 -34.08 18.20
C PRO B 432 -36.47 -34.51 19.22
N ASN B 433 -36.18 -34.38 20.52
CA ASN B 433 -37.15 -34.81 21.54
C ASN B 433 -38.48 -34.04 21.45
N GLU B 434 -38.40 -32.78 21.09
CA GLU B 434 -39.58 -31.91 20.98
C GLU B 434 -40.27 -32.04 19.64
N LEU B 435 -39.51 -32.40 18.61
CA LEU B 435 -40.10 -32.48 17.26
C LEU B 435 -40.62 -33.87 16.90
N ILE B 436 -40.08 -34.91 17.50
CA ILE B 436 -40.46 -36.29 17.17
C ILE B 436 -41.12 -36.91 18.40
N THR B 437 -42.35 -37.38 18.21
CA THR B 437 -43.04 -38.26 19.14
C THR B 437 -42.95 -39.69 18.62
N SER B 438 -42.15 -40.52 19.29
CA SER B 438 -41.94 -41.88 18.81
C SER B 438 -43.24 -42.60 18.50
N ASP B 439 -43.26 -43.29 17.35
CA ASP B 439 -44.39 -43.99 16.76
C ASP B 439 -45.52 -43.05 16.32
N PHE B 440 -45.30 -41.72 16.28
CA PHE B 440 -46.28 -40.81 15.69
C PHE B 440 -45.84 -40.12 14.40
N ASN B 441 -44.61 -39.61 14.37
CA ASN B 441 -44.07 -38.95 13.21
C ASN B 441 -42.65 -39.46 12.90
N GLY B 442 -42.19 -40.49 13.60
CA GLY B 442 -40.81 -40.95 13.50
C GLY B 442 -40.46 -41.81 14.71
N TYR B 443 -39.17 -41.85 15.03
CA TYR B 443 -38.67 -42.66 16.12
C TYR B 443 -37.42 -42.01 16.67
N LEU B 444 -37.32 -42.01 17.98
CA LEU B 444 -36.14 -41.52 18.67
C LEU B 444 -35.32 -42.72 19.09
N ILE B 445 -34.01 -42.63 18.94
CA ILE B 445 -33.11 -43.76 19.09
C ILE B 445 -31.97 -43.34 20.01
N THR B 446 -31.51 -44.27 20.83
CA THR B 446 -30.45 -43.92 21.74
C THR B 446 -29.18 -43.47 21.04
N LYS B 447 -28.60 -42.39 21.54
CA LYS B 447 -27.45 -41.80 20.88
C LYS B 447 -26.42 -42.85 20.56
N ASN B 448 -26.06 -42.95 19.27
CA ASN B 448 -25.01 -43.81 18.75
C ASN B 448 -25.37 -45.30 18.79
N ASP B 449 -26.65 -45.64 18.90
CA ASP B 449 -27.08 -47.04 18.86
C ASP B 449 -27.33 -47.46 17.41
N GLU B 450 -26.22 -47.61 16.68
CA GLU B 450 -26.32 -48.02 15.28
C GLU B 450 -27.11 -49.32 15.12
N ASP B 451 -27.12 -50.18 16.13
CA ASP B 451 -27.89 -51.42 16.08
C ASP B 451 -29.38 -51.13 16.02
N ALA B 452 -29.87 -50.35 16.99
CA ALA B 452 -31.29 -49.97 16.99
C ALA B 452 -31.65 -49.12 15.78
N LEU B 453 -30.71 -48.30 15.29
CA LEU B 453 -31.00 -47.49 14.12
C LEU B 453 -31.34 -48.36 12.94
N PHE B 454 -30.53 -49.41 12.70
CA PHE B 454 -30.83 -50.36 11.63
C PHE B 454 -32.20 -51.01 11.85
N ASP B 455 -32.48 -51.44 13.07
CA ASP B 455 -33.74 -52.17 13.29
C ASP B 455 -34.95 -51.29 12.95
N LYS B 456 -34.98 -50.06 13.46
CA LYS B 456 -36.16 -49.23 13.25
C LYS B 456 -36.28 -48.79 11.78
N VAL B 457 -35.18 -48.44 11.14
CA VAL B 457 -35.24 -48.10 9.71
C VAL B 457 -35.74 -49.28 8.89
N LYS B 458 -35.20 -50.49 9.15
CA LYS B 458 -35.66 -51.66 8.40
C LYS B 458 -37.15 -51.94 8.63
N TYR B 459 -37.60 -51.83 9.89
CA TYR B 459 -39.01 -52.04 10.19
C TYR B 459 -39.93 -51.14 9.36
N VAL B 460 -39.56 -49.87 9.22
CA VAL B 460 -40.39 -48.94 8.45
C VAL B 460 -40.34 -49.28 6.96
N ILE B 461 -39.18 -49.69 6.45
CA ILE B 461 -39.10 -50.13 5.06
C ILE B 461 -39.95 -51.38 4.85
N ASP B 462 -39.91 -52.32 5.81
CA ASP B 462 -40.67 -53.57 5.73
C ASP B 462 -42.18 -53.34 5.81
N HIS B 463 -42.63 -52.18 6.28
CA HIS B 463 -44.03 -51.91 6.61
C HIS B 463 -44.46 -50.55 6.06
N PRO B 464 -44.78 -50.48 4.78
CA PRO B 464 -45.20 -49.18 4.19
C PRO B 464 -46.53 -48.64 4.74
N GLU B 465 -47.35 -49.44 5.39
CA GLU B 465 -48.50 -48.90 6.10
C GLU B 465 -48.06 -48.06 7.29
N VAL B 466 -46.98 -48.43 7.96
CA VAL B 466 -46.42 -47.60 9.01
C VAL B 466 -45.94 -46.27 8.42
N GLN B 467 -45.12 -46.33 7.38
CA GLN B 467 -44.54 -45.11 6.82
C GLN B 467 -45.63 -44.12 6.43
N GLN B 468 -46.71 -44.58 5.81
CA GLN B 468 -47.82 -43.68 5.55
C GLN B 468 -48.36 -43.09 6.84
N ARG B 469 -48.53 -43.92 7.86
CA ARG B 469 -49.11 -43.43 9.11
C ARG B 469 -48.26 -42.33 9.69
N LEU B 470 -46.96 -42.58 9.79
CA LEU B 470 -46.05 -41.58 10.33
C LEU B 470 -45.94 -40.36 9.41
N SER B 471 -46.24 -40.51 8.12
CA SER B 471 -46.27 -39.35 7.23
C SER B 471 -47.42 -38.42 7.57
N LYS B 472 -48.62 -38.96 7.81
CA LYS B 472 -49.74 -38.11 8.27
C LYS B 472 -49.44 -37.49 9.64
N GLY B 473 -48.84 -38.27 10.53
CA GLY B 473 -48.40 -37.70 11.78
C GLY B 473 -47.39 -36.59 11.60
N SER B 474 -46.66 -36.62 10.49
CA SER B 474 -45.59 -35.65 10.30
C SER B 474 -46.19 -34.33 9.92
N LEU B 475 -47.13 -34.35 9.00
CA LEU B 475 -47.81 -33.12 8.60
C LEU B 475 -48.57 -32.50 9.77
N ALA B 476 -48.94 -33.34 10.73
CA ALA B 476 -49.62 -32.88 11.94
C ALA B 476 -48.67 -32.17 12.90
N LYS B 477 -47.56 -32.82 13.23
CA LYS B 477 -46.55 -32.17 14.05
C LYS B 477 -46.09 -30.86 13.44
N ALA B 478 -45.84 -30.85 12.14
CA ALA B 478 -45.36 -29.63 11.53
C ALA B 478 -46.37 -28.49 11.69
N GLN B 479 -47.66 -28.80 11.80
CA GLN B 479 -48.66 -27.75 11.84
C GLN B 479 -48.60 -26.97 13.16
N GLN B 480 -48.09 -27.59 14.20
CA GLN B 480 -47.85 -26.89 15.45
C GLN B 480 -46.76 -25.82 15.34
N TYR B 481 -45.93 -25.87 14.32
CA TYR B 481 -44.86 -24.90 14.13
C TYR B 481 -45.16 -23.94 12.97
N SER B 482 -46.45 -23.62 12.80
CA SER B 482 -46.87 -22.85 11.65
C SER B 482 -46.34 -21.43 11.66
N LYS B 483 -46.24 -20.84 10.47
CA LYS B 483 -45.95 -19.43 10.29
C LYS B 483 -46.75 -18.60 11.28
N ALA B 484 -48.01 -18.97 11.48
CA ALA B 484 -48.88 -18.12 12.27
C ALA B 484 -48.54 -18.17 13.73
N SER B 485 -48.27 -19.35 14.23
CA SER B 485 -47.95 -19.40 15.65
C SER B 485 -46.58 -18.78 15.93
N LEU B 486 -45.66 -18.83 14.99
CA LEU B 486 -44.39 -18.16 15.23
C LEU B 486 -44.54 -16.64 15.19
N ILE B 487 -45.34 -16.12 14.27
CA ILE B 487 -45.61 -14.69 14.31
C ILE B 487 -46.16 -14.28 15.67
N LYS B 488 -47.10 -15.05 16.19
CA LYS B 488 -47.68 -14.65 17.46
C LYS B 488 -46.59 -14.55 18.53
N GLN B 489 -45.70 -15.55 18.59
CA GLN B 489 -44.67 -15.54 19.63
C GLN B 489 -43.69 -14.39 19.40
N TRP B 490 -43.37 -14.10 18.12
CA TRP B 490 -42.45 -13.01 17.82
C TRP B 490 -43.06 -11.66 18.16
N ASP B 491 -44.36 -11.49 17.83
CA ASP B 491 -45.01 -10.20 18.02
C ASP B 491 -45.14 -9.91 19.51
N GLN B 492 -45.54 -10.91 20.29
CA GLN B 492 -45.59 -10.71 21.71
C GLN B 492 -44.22 -10.30 22.27
N PHE B 493 -43.15 -10.96 21.78
CA PHE B 493 -41.80 -10.69 22.28
C PHE B 493 -41.40 -9.25 22.04
N VAL B 494 -41.56 -8.79 20.80
CA VAL B 494 -41.07 -7.48 20.48
C VAL B 494 -41.86 -6.39 21.17
N ARG B 495 -43.12 -6.66 21.48
CA ARG B 495 -43.94 -5.73 22.24
C ARG B 495 -43.58 -5.61 23.72
N LEU B 496 -42.89 -6.57 24.29
CA LEU B 496 -42.59 -6.56 25.72
C LEU B 496 -41.13 -6.39 26.05
N ILE B 497 -40.22 -6.55 25.09
CA ILE B 497 -38.79 -6.68 25.39
C ILE B 497 -38.15 -5.35 25.76
N LEU B 498 -38.66 -4.23 25.23
CA LEU B 498 -38.17 -2.92 25.62
C LEU B 498 -38.87 -2.44 26.88
N GLU B 499 -38.12 -1.64 27.68
CA GLU B 499 -38.72 -0.95 28.82
C GLU B 499 -39.59 0.22 28.35
N HIS B 500 -40.53 0.63 29.20
CA HIS B 500 -41.74 1.30 28.70
C HIS B 500 -41.67 2.85 28.76
N SER C 2 16.33 4.31 25.50
CA SER C 2 15.02 3.73 25.88
C SER C 2 14.25 3.21 24.68
N ASP C 3 13.26 2.36 24.92
CA ASP C 3 12.39 1.82 23.83
C ASP C 3 11.58 2.95 23.17
N SER C 4 11.32 4.02 23.91
CA SER C 4 10.46 5.13 23.41
C SER C 4 11.18 5.92 22.30
N ASP C 5 12.48 5.70 22.15
CA ASP C 5 13.29 6.43 21.14
C ASP C 5 13.10 5.80 19.76
N SER C 6 12.58 4.58 19.68
CA SER C 6 12.30 3.90 18.38
C SER C 6 11.08 4.55 17.70
N ASP C 7 10.34 5.39 18.41
CA ASP C 7 9.11 6.03 17.87
C ASP C 7 9.48 7.08 16.81
N SER C 8 10.68 7.65 16.90
CA SER C 8 11.11 8.73 15.97
C SER C 8 11.99 8.19 14.84
N ASP C 9 12.06 8.91 13.72
CA ASP C 9 12.86 8.52 12.52
C ASP C 9 12.35 7.20 11.91
N SER D 2 4.45 -20.70 -13.25
CA SER D 2 4.52 -21.24 -11.86
C SER D 2 3.11 -21.49 -11.31
N ASP D 3 3.00 -22.41 -10.35
CA ASP D 3 1.68 -22.72 -9.72
C ASP D 3 1.44 -21.73 -8.57
N SER D 4 2.45 -20.90 -8.28
CA SER D 4 2.27 -19.86 -7.24
C SER D 4 1.63 -18.61 -7.87
N ASP D 5 1.31 -18.67 -9.16
CA ASP D 5 0.73 -17.52 -9.89
C ASP D 5 -0.75 -17.35 -9.53
N SER D 6 -1.45 -18.46 -9.36
CA SER D 6 -2.88 -18.44 -9.03
C SER D 6 -3.08 -18.63 -7.53
N ASP D 7 -4.31 -18.42 -7.06
CA ASP D 7 -4.62 -18.68 -5.65
C ASP D 7 -5.95 -19.44 -5.58
N1 UDP E . 30.38 27.85 -3.77
C2 UDP E . 29.57 28.75 -3.05
N3 UDP E . 29.85 29.02 -1.78
C4 UDP E . 30.87 28.45 -1.16
C5 UDP E . 31.68 27.57 -1.84
C6 UDP E . 31.42 27.27 -3.17
O2 UDP E . 28.60 29.29 -3.61
O4 UDP E . 31.09 28.73 0.02
C1' UDP E . 30.06 27.57 -5.17
C2' UDP E . 31.02 28.30 -6.08
O2' UDP E . 30.52 29.60 -6.35
C3' UDP E . 31.09 27.43 -7.31
C4' UDP E . 30.62 26.06 -6.86
O4' UDP E . 30.22 26.20 -5.50
O3' UDP E . 30.23 27.91 -8.34
C5' UDP E . 31.72 25.02 -6.99
O5' UDP E . 31.88 24.68 -8.35
PA UDP E . 33.30 24.39 -9.01
O1A UDP E . 33.14 24.13 -10.46
O2A UDP E . 34.23 25.47 -8.58
O3A UDP E . 33.79 23.06 -8.28
PB UDP E . 33.00 21.67 -8.27
O1B UDP E . 34.11 20.70 -8.48
O2B UDP E . 32.00 21.72 -9.37
O3B UDP E . 32.34 21.62 -6.94
C1 NAG F . 32.30 19.61 -11.66
C2 NAG F . 33.76 19.93 -11.99
C3 NAG F . 33.92 21.43 -12.17
C4 NAG F . 32.91 21.99 -13.13
C5 NAG F . 31.51 21.58 -12.70
C6 NAG F . 30.46 22.13 -13.66
C7 NAG F . 35.32 18.35 -10.97
C8 NAG F . 35.83 17.86 -9.65
N2 NAG F . 34.65 19.49 -10.94
O1 NAG F . 32.08 18.20 -11.57
O3 NAG F . 35.24 21.70 -12.67
O4 NAG F . 33.00 23.41 -13.12
O5 NAG F . 31.44 20.16 -12.67
O6 NAG F . 30.84 21.79 -15.00
O7 NAG F . 35.53 17.73 -11.99
N1 UDP G . -29.93 -27.10 3.30
C2 UDP G . -30.26 -26.70 1.99
N3 UDP G . -29.84 -27.42 0.96
C4 UDP G . -29.11 -28.51 1.14
C5 UDP G . -28.77 -28.93 2.42
C6 UDP G . -29.20 -28.19 3.51
O2 UDP G . -30.94 -25.68 1.80
O4 UDP G . -28.73 -29.16 0.17
C1' UDP G . -30.41 -26.29 4.41
C2' UDP G . -31.55 -26.98 5.12
O2' UDP G . -32.78 -26.81 4.42
C3' UDP G . -31.54 -26.32 6.47
C4' UDP G . -30.11 -25.84 6.64
O4' UDP G . -29.43 -26.08 5.42
O3' UDP G . -32.41 -25.19 6.53
C5' UDP G . -29.45 -26.58 7.78
O5' UDP G . -30.38 -26.58 8.86
PA UDP G . -29.98 -27.13 10.29
O1A UDP G . -29.96 -28.62 10.24
O2A UDP G . -30.80 -26.40 11.30
O3A UDP G . -28.52 -26.47 10.36
PB UDP G . -27.19 -27.15 10.91
O1B UDP G . -26.64 -27.85 9.71
O2B UDP G . -27.64 -28.01 12.03
O3B UDP G . -26.38 -25.97 11.33
C1 NAG H . -27.19 -24.55 14.19
C2 NAG H . -27.72 -25.79 14.89
C3 NAG H . -29.07 -26.18 14.34
C4 NAG H . -30.01 -25.00 14.40
C5 NAG H . -29.39 -23.88 13.59
C6 NAG H . -30.31 -22.67 13.55
C7 NAG H . -26.03 -27.38 15.65
C8 NAG H . -24.78 -28.07 15.19
N2 NAG H . -26.81 -26.89 14.70
O1 NAG H . -26.02 -24.09 14.88
O3 NAG H . -29.61 -27.26 15.11
O4 NAG H . -31.27 -25.37 13.85
O5 NAG H . -28.16 -23.50 14.18
O6 NAG H . -30.65 -22.30 14.88
O7 NAG H . -26.32 -27.29 16.83
C1 NAG I . 7.74 5.39 25.34
C2 NAG I . 6.77 5.62 26.51
C3 NAG I . 6.82 4.47 27.48
C4 NAG I . 6.61 3.15 26.75
C5 NAG I . 7.57 3.05 25.58
C6 NAG I . 7.30 1.81 24.77
C7 NAG I . 6.64 8.04 26.88
C8 NAG I . 7.33 9.20 27.51
N2 NAG I . 7.14 6.85 27.20
O3 NAG I . 5.78 4.64 28.42
O4 NAG I . 6.84 2.06 27.62
O5 NAG I . 7.42 4.18 24.74
O6 NAG I . 8.25 1.72 23.70
O7 NAG I . 5.69 8.17 26.13
C1 NAG J . 14.13 10.12 17.50
C2 NAG J . 15.36 9.75 18.34
C3 NAG J . 14.99 9.86 19.79
C4 NAG J . 14.57 11.28 20.10
C5 NAG J . 13.51 11.77 19.14
C6 NAG J . 13.36 13.28 19.25
C7 NAG J . 16.50 8.09 16.98
C8 NAG J . 17.96 8.42 17.08
N2 NAG J . 15.75 8.40 18.03
O3 NAG J . 16.12 9.51 20.58
O4 NAG J . 14.02 11.33 21.41
O5 NAG J . 13.80 11.46 17.79
O6 NAG J . 14.49 13.95 18.68
O7 NAG J . 16.02 7.59 15.99
C1 NAG K . -3.96 -21.89 -8.96
C2 NAG K . -3.48 -23.18 -8.26
C3 NAG K . -2.63 -23.95 -9.22
C4 NAG K . -3.46 -24.32 -10.44
C5 NAG K . -4.15 -23.11 -11.04
C6 NAG K . -5.24 -23.62 -11.96
C7 NAG K . -3.21 -22.88 -5.86
C8 NAG K . -4.39 -23.76 -5.62
N2 NAG K . -2.72 -22.85 -7.09
O3 NAG K . -2.16 -25.14 -8.58
O4 NAG K . -2.60 -24.87 -11.43
O5 NAG K . -4.75 -22.27 -10.06
O6 NAG K . -5.91 -22.54 -12.59
O7 NAG K . -2.70 -22.22 -4.97
#